data_8XTC
#
_entry.id   8XTC
#
_cell.length_a   86.800
_cell.length_b   86.800
_cell.length_c   276.730
_cell.angle_alpha   90.00
_cell.angle_beta   90.00
_cell.angle_gamma   90.00
#
_symmetry.space_group_name_H-M   'P 43 21 2'
#
loop_
_entity.id
_entity.type
_entity.pdbx_description
1 polymer umgsp2-mut
2 non-polymer '4-oxidanylbutyl ~{N}-(4-aminophenyl)carbamate'
3 non-polymer GLYCEROL
4 water water
#
_entity_poly.entity_id   1
_entity_poly.type   'polypeptide(L)'
_entity_poly.pdbx_seq_one_letter_code
;NLYFQGAGAGAGAGAMSELSAIETAAAIAGGSMTALEACDAAIARIEQRDGPINAVVVRDFDRARDAAKAADAEIAAAVR
KPLLGVPMTIKESFDIAGLPTSWGFAEHADHIATADSLVVSRLKAAGAVFLGKSNIPVGLADWQSVNPNYGRTNNPHDHS
RSAGGSSGGAAAALAAGMVPLEYGSDIGGAIRVPAHFCGVWGLKTTFDAVSLEGHYFPRTDSAKADLSVVGPMARTPADL
ALALDITSKVPLPQSRIANLSGLRILLLTAHPETVADSATISAVERAAAACEASGATVATSSPDLPDLSALVADYTRMLL
VVLARGLAPEGTEPVSLNAWYAMLDDQARMMRAFDRLFESFDAIFCPVLGTTAFAHSDEPDWAKRSLSIDGGIAPFAAQL
GWISMATYGGMPALSMPLGADGNGLPINLQIITRNWSDHDAIRIGALVAEALDR
;
_entity_poly.pdbx_strand_id   A,B
#
loop_
_chem_comp.id
_chem_comp.type
_chem_comp.name
_chem_comp.formula
A1D5H non-polymer '4-oxidanylbutyl ~{N}-(4-aminophenyl)carbamate' 'C11 H16 N2 O3'
GOL non-polymer GLYCEROL 'C3 H8 O3'
#
# COMPACT_ATOMS: atom_id res chain seq x y z
N ALA A 15 32.96 7.56 -24.66
CA ALA A 15 32.69 8.10 -23.34
C ALA A 15 33.56 7.45 -22.28
N MET A 16 33.36 7.85 -21.03
CA MET A 16 34.07 7.28 -19.88
C MET A 16 33.06 6.53 -19.01
N SER A 17 33.46 5.36 -18.53
CA SER A 17 32.53 4.46 -17.85
C SER A 17 32.99 4.17 -16.42
N GLU A 18 32.03 3.74 -15.61
CA GLU A 18 32.27 3.26 -14.26
C GLU A 18 31.53 1.95 -14.08
N LEU A 19 31.76 1.29 -12.94
CA LEU A 19 31.02 0.08 -12.63
C LEU A 19 29.60 0.43 -12.19
N SER A 20 28.65 -0.40 -12.59
CA SER A 20 27.32 -0.26 -12.03
C SER A 20 27.31 -0.76 -10.59
N ALA A 21 26.15 -0.60 -9.94
CA ALA A 21 26.00 -1.10 -8.58
C ALA A 21 26.18 -2.61 -8.52
N ILE A 22 25.58 -3.33 -9.47
CA ILE A 22 25.68 -4.79 -9.48
C ILE A 22 27.08 -5.22 -9.88
N GLU A 23 27.68 -4.53 -10.87
CA GLU A 23 29.04 -4.86 -11.27
C GLU A 23 30.02 -4.67 -10.12
N THR A 24 29.81 -3.63 -9.30
CA THR A 24 30.69 -3.39 -8.17
C THR A 24 30.60 -4.52 -7.15
N ALA A 25 29.38 -4.94 -6.81
CA ALA A 25 29.22 -6.08 -5.90
C ALA A 25 29.82 -7.34 -6.50
N ALA A 26 29.72 -7.50 -7.83
CA ALA A 26 30.32 -8.66 -8.49
C ALA A 26 31.83 -8.63 -8.37
N ALA A 27 32.44 -7.45 -8.53
CA ALA A 27 33.88 -7.33 -8.41
C ALA A 27 34.36 -7.62 -6.99
N ILE A 28 33.61 -7.13 -6.00
CA ILE A 28 33.97 -7.38 -4.61
C ILE A 28 33.80 -8.86 -4.27
N ALA A 29 32.70 -9.46 -4.72
CA ALA A 29 32.46 -10.87 -4.44
C ALA A 29 33.46 -11.76 -5.18
N GLY A 30 33.88 -11.35 -6.38
CA GLY A 30 34.82 -12.15 -7.14
C GLY A 30 36.27 -12.01 -6.72
N GLY A 31 36.60 -10.93 -6.00
CA GLY A 31 37.95 -10.73 -5.52
C GLY A 31 38.82 -9.85 -6.41
N SER A 32 38.31 -9.38 -7.55
CA SER A 32 39.09 -8.47 -8.39
C SER A 32 39.33 -7.14 -7.70
N MET A 33 38.51 -6.78 -6.71
CA MET A 33 38.75 -5.63 -5.86
C MET A 33 38.03 -5.87 -4.54
N THR A 34 38.36 -5.04 -3.55
CA THR A 34 37.76 -5.15 -2.23
C THR A 34 36.82 -3.97 -1.98
N ALA A 35 36.08 -4.07 -0.87
CA ALA A 35 35.14 -3.01 -0.52
C ALA A 35 35.86 -1.71 -0.19
N LEU A 36 37.01 -1.80 0.50
CA LEU A 36 37.78 -0.61 0.81
C LEU A 36 38.38 0.02 -0.45
N GLU A 37 38.68 -0.78 -1.46
CA GLU A 37 39.21 -0.22 -2.70
C GLU A 37 38.13 0.47 -3.51
N ALA A 38 36.94 -0.11 -3.56
CA ALA A 38 35.82 0.54 -4.24
C ALA A 38 35.37 1.78 -3.50
N CYS A 39 35.40 1.74 -2.16
CA CYS A 39 35.03 2.92 -1.38
C CYS A 39 36.03 4.05 -1.57
N ASP A 40 37.33 3.72 -1.55
CA ASP A 40 38.36 4.74 -1.76
C ASP A 40 38.32 5.28 -3.18
N ALA A 41 37.99 4.44 -4.16
CA ALA A 41 37.87 4.92 -5.53
C ALA A 41 36.71 5.90 -5.67
N ALA A 42 35.62 5.64 -4.96
CA ALA A 42 34.48 6.56 -5.01
C ALA A 42 34.79 7.87 -4.30
N ILE A 43 35.54 7.81 -3.20
CA ILE A 43 35.95 9.03 -2.49
C ILE A 43 36.83 9.88 -3.40
N ALA A 44 37.79 9.24 -4.07
CA ALA A 44 38.69 9.99 -4.96
C ALA A 44 37.93 10.59 -6.13
N ARG A 45 36.96 9.86 -6.68
CA ARG A 45 36.16 10.40 -7.78
C ARG A 45 35.37 11.62 -7.35
N ILE A 46 34.85 11.60 -6.12
CA ILE A 46 34.10 12.75 -5.61
C ILE A 46 35.03 13.95 -5.42
N GLU A 47 36.14 13.74 -4.73
CA GLU A 47 37.08 14.83 -4.49
C GLU A 47 37.71 15.35 -5.77
N GLN A 48 37.67 14.56 -6.85
CA GLN A 48 38.26 14.99 -8.12
C GLN A 48 37.24 15.67 -9.03
N ARG A 49 35.97 15.28 -8.96
CA ARG A 49 34.97 15.76 -9.92
C ARG A 49 33.90 16.66 -9.32
N ASP A 50 33.74 16.68 -8.00
CA ASP A 50 32.64 17.43 -7.41
C ASP A 50 32.90 18.92 -7.33
N GLY A 51 34.11 19.38 -7.63
CA GLY A 51 34.45 20.77 -7.56
C GLY A 51 33.51 21.67 -8.34
N PRO A 52 33.48 21.52 -9.66
CA PRO A 52 32.57 22.34 -10.49
C PRO A 52 31.14 21.82 -10.58
N ILE A 53 30.82 20.73 -9.87
CA ILE A 53 29.48 20.14 -9.92
C ILE A 53 28.73 20.35 -8.61
N ASN A 54 29.39 20.13 -7.47
CA ASN A 54 28.84 20.40 -6.14
C ASN A 54 27.56 19.60 -5.92
N ALA A 55 27.67 18.28 -6.02
CA ALA A 55 26.54 17.38 -5.83
C ALA A 55 26.56 16.65 -4.49
N VAL A 56 27.74 16.21 -4.06
CA VAL A 56 27.88 15.48 -2.80
C VAL A 56 28.19 16.52 -1.73
N VAL A 57 27.14 17.08 -1.13
CA VAL A 57 27.29 18.21 -0.22
C VAL A 57 27.45 17.79 1.25
N VAL A 58 27.04 16.58 1.60
CA VAL A 58 27.28 16.02 2.92
C VAL A 58 28.17 14.80 2.74
N ARG A 59 29.25 14.74 3.51
CA ARG A 59 30.27 13.71 3.32
C ARG A 59 30.56 13.02 4.65
N ASP A 60 30.61 11.70 4.62
CA ASP A 60 30.79 10.84 5.78
C ASP A 60 31.90 9.83 5.52
N PHE A 61 33.05 10.35 5.08
CA PHE A 61 34.07 9.49 4.49
C PHE A 61 34.77 8.63 5.53
N ASP A 62 35.01 9.17 6.72
CA ASP A 62 35.71 8.40 7.76
C ASP A 62 34.89 7.19 8.18
N ARG A 63 33.62 7.40 8.51
CA ARG A 63 32.77 6.29 8.92
C ARG A 63 32.47 5.35 7.76
N ALA A 64 32.48 5.87 6.52
CA ALA A 64 32.24 5.00 5.38
C ALA A 64 33.39 4.03 5.16
N ARG A 65 34.63 4.46 5.41
CA ARG A 65 35.77 3.55 5.30
C ARG A 65 35.68 2.43 6.33
N ASP A 66 35.15 2.74 7.52
CA ASP A 66 34.96 1.71 8.53
C ASP A 66 33.92 0.68 8.09
N ALA A 67 32.83 1.15 7.49
CA ALA A 67 31.78 0.23 7.03
C ALA A 67 32.28 -0.63 5.87
N ALA A 68 33.10 -0.04 4.98
CA ALA A 68 33.68 -0.81 3.89
C ALA A 68 34.66 -1.85 4.42
N LYS A 69 35.41 -1.52 5.48
CA LYS A 69 36.25 -2.51 6.14
C LYS A 69 35.40 -3.62 6.76
N ALA A 70 34.25 -3.25 7.32
CA ALA A 70 33.35 -4.26 7.86
C ALA A 70 32.76 -5.13 6.76
N ALA A 71 32.55 -4.56 5.56
CA ALA A 71 32.04 -5.35 4.45
C ALA A 71 33.09 -6.33 3.94
N ASP A 72 34.36 -5.91 3.90
CA ASP A 72 35.43 -6.83 3.53
C ASP A 72 35.56 -7.98 4.54
N ALA A 73 35.31 -7.68 5.82
CA ALA A 73 35.32 -8.75 6.82
C ALA A 73 34.16 -9.72 6.62
N GLU A 74 33.02 -9.22 6.10
CA GLU A 74 31.92 -10.12 5.79
C GLU A 74 32.21 -10.93 4.54
N ILE A 75 32.76 -10.29 3.51
CA ILE A 75 33.17 -11.00 2.30
C ILE A 75 34.14 -12.12 2.64
N ALA A 76 35.06 -11.86 3.58
CA ALA A 76 36.03 -12.88 3.96
C ALA A 76 35.35 -14.07 4.63
N ALA A 77 34.30 -13.81 5.41
CA ALA A 77 33.55 -14.86 6.08
C ALA A 77 32.56 -15.57 5.17
N ALA A 78 32.77 -15.50 3.86
CA ALA A 78 31.93 -16.11 2.83
C ALA A 78 30.51 -15.54 2.81
N VAL A 79 30.29 -14.38 3.43
CA VAL A 79 28.99 -13.72 3.39
C VAL A 79 28.83 -13.04 2.04
N ARG A 80 27.62 -13.14 1.49
CA ARG A 80 27.28 -12.48 0.23
C ARG A 80 25.92 -11.82 0.36
N LYS A 81 25.86 -10.52 0.06
CA LYS A 81 24.65 -9.74 0.04
C LYS A 81 24.57 -8.97 -1.27
N PRO A 82 23.37 -8.67 -1.76
CA PRO A 82 23.24 -8.09 -3.11
C PRO A 82 24.03 -6.81 -3.32
N LEU A 83 24.21 -5.99 -2.29
CA LEU A 83 24.94 -4.73 -2.41
C LEU A 83 26.13 -4.67 -1.46
N LEU A 84 26.76 -5.82 -1.17
CA LEU A 84 27.81 -5.87 -0.16
C LEU A 84 29.03 -5.05 -0.57
N GLY A 85 29.27 -3.96 0.16
CA GLY A 85 30.43 -3.12 -0.08
C GLY A 85 30.27 -2.13 -1.21
N VAL A 86 29.07 -1.94 -1.73
CA VAL A 86 28.83 -1.05 -2.86
C VAL A 86 28.69 0.37 -2.33
N PRO A 87 29.55 1.30 -2.73
CA PRO A 87 29.43 2.67 -2.24
C PRO A 87 28.31 3.42 -2.95
N MET A 88 27.60 4.25 -2.19
CA MET A 88 26.51 5.04 -2.73
C MET A 88 26.27 6.23 -1.82
N THR A 89 25.48 7.18 -2.33
CA THR A 89 24.95 8.30 -1.58
C THR A 89 23.43 8.28 -1.66
N ILE A 90 22.80 9.12 -0.85
CA ILE A 90 21.35 9.26 -0.85
C ILE A 90 21.00 10.73 -0.73
N LYS A 91 19.79 11.07 -1.19
CA LYS A 91 19.31 12.45 -1.16
C LYS A 91 19.39 13.01 0.27
N GLU A 92 19.68 14.32 0.36
CA GLU A 92 19.95 14.92 1.67
C GLU A 92 18.72 14.88 2.57
N SER A 93 17.52 14.84 1.99
CA SER A 93 16.31 14.82 2.79
C SER A 93 16.14 13.51 3.56
N PHE A 94 16.81 12.44 3.14
CA PHE A 94 16.76 11.20 3.90
C PHE A 94 17.63 11.29 5.15
N ASP A 95 17.18 10.63 6.21
CA ASP A 95 17.93 10.61 7.46
C ASP A 95 19.02 9.54 7.41
N ILE A 96 20.22 9.92 7.82
CA ILE A 96 21.29 8.98 8.14
C ILE A 96 21.81 9.38 9.52
N ALA A 97 21.78 8.42 10.46
CA ALA A 97 22.12 8.72 11.85
C ALA A 97 23.51 9.32 11.94
N GLY A 98 23.62 10.46 12.63
CA GLY A 98 24.85 11.19 12.75
C GLY A 98 25.06 12.27 11.72
N LEU A 99 24.26 12.28 10.67
CA LEU A 99 24.37 13.23 9.57
C LEU A 99 23.26 14.26 9.64
N PRO A 100 23.48 15.45 9.08
CA PRO A 100 22.44 16.47 9.10
C PRO A 100 21.34 16.22 8.07
N THR A 101 20.14 16.69 8.41
CA THR A 101 19.01 16.74 7.49
C THR A 101 18.43 18.14 7.58
N SER A 102 18.60 18.94 6.53
CA SER A 102 18.22 20.35 6.55
C SER A 102 17.15 20.71 5.55
N TRP A 103 16.96 19.92 4.49
CA TRP A 103 16.10 20.28 3.35
C TRP A 103 16.45 21.64 2.77
N GLY A 104 17.70 22.05 2.91
CA GLY A 104 18.16 23.31 2.36
C GLY A 104 17.96 24.51 3.24
N PHE A 105 17.13 24.40 4.28
CA PHE A 105 16.89 25.54 5.16
C PHE A 105 18.14 25.87 5.96
N ALA A 106 18.49 27.16 6.01
CA ALA A 106 19.61 27.58 6.84
C ALA A 106 19.31 27.37 8.32
N GLU A 107 18.03 27.37 8.69
CA GLU A 107 17.65 27.23 10.10
C GLU A 107 17.80 25.81 10.60
N HIS A 108 17.87 24.83 9.71
CA HIS A 108 17.96 23.42 10.06
C HIS A 108 19.30 22.82 9.63
N ALA A 109 20.32 23.66 9.48
CA ALA A 109 21.63 23.18 9.03
C ALA A 109 22.29 22.28 10.07
N ASP A 110 22.07 22.55 11.36
CA ASP A 110 22.67 21.78 12.43
C ASP A 110 21.69 20.79 13.07
N HIS A 111 20.63 20.42 12.36
CA HIS A 111 19.77 19.33 12.81
C HIS A 111 20.38 18.00 12.38
N ILE A 112 20.80 17.19 13.35
CA ILE A 112 21.47 15.93 13.09
C ILE A 112 20.51 14.80 13.42
N ALA A 113 20.32 13.88 12.47
CA ALA A 113 19.44 12.75 12.67
C ALA A 113 20.07 11.76 13.64
N THR A 114 19.21 11.10 14.43
CA THR A 114 19.65 10.12 15.41
C THR A 114 19.30 8.69 15.01
N ALA A 115 18.61 8.51 13.89
CA ALA A 115 18.23 7.19 13.42
C ALA A 115 18.22 7.18 11.90
N ASP A 116 18.57 6.03 11.33
CA ASP A 116 18.57 5.87 9.88
C ASP A 116 17.15 5.74 9.36
N SER A 117 16.91 6.28 8.17
CA SER A 117 15.63 6.12 7.52
C SER A 117 15.42 4.66 7.11
N LEU A 118 14.16 4.31 6.83
CA LEU A 118 13.82 2.94 6.46
C LEU A 118 14.56 2.53 5.18
N VAL A 119 14.61 3.41 4.19
CA VAL A 119 15.28 3.08 2.93
C VAL A 119 16.78 2.88 3.16
N VAL A 120 17.37 3.71 4.00
CA VAL A 120 18.79 3.54 4.32
C VAL A 120 19.02 2.24 5.08
N SER A 121 18.09 1.89 5.99
CA SER A 121 18.24 0.66 6.75
C SER A 121 18.19 -0.57 5.84
N ARG A 122 17.26 -0.56 4.87
CA ARG A 122 17.15 -1.69 3.94
C ARG A 122 18.41 -1.81 3.08
N LEU A 123 18.89 -0.70 2.54
CA LEU A 123 20.08 -0.75 1.68
C LEU A 123 21.32 -1.14 2.48
N LYS A 124 21.40 -0.71 3.73
CA LYS A 124 22.53 -1.09 4.58
C LYS A 124 22.48 -2.58 4.90
N ALA A 125 21.30 -3.10 5.22
CA ALA A 125 21.17 -4.52 5.52
C ALA A 125 21.59 -5.39 4.35
N ALA A 126 21.53 -4.84 3.13
CA ALA A 126 22.02 -5.55 1.95
C ALA A 126 23.50 -5.26 1.66
N GLY A 127 24.17 -4.52 2.55
CA GLY A 127 25.61 -4.33 2.47
C GLY A 127 26.07 -3.02 1.90
N ALA A 128 25.16 -2.14 1.49
CA ALA A 128 25.58 -0.91 0.84
C ALA A 128 26.28 0.02 1.83
N VAL A 129 27.31 0.71 1.35
CA VAL A 129 28.08 1.67 2.13
C VAL A 129 27.71 3.07 1.69
N PHE A 130 27.32 3.92 2.64
CA PHE A 130 26.87 5.27 2.36
C PHE A 130 28.01 6.24 2.64
N LEU A 131 28.50 6.88 1.58
CA LEU A 131 29.59 7.84 1.69
C LEU A 131 29.12 9.23 2.10
N GLY A 132 27.90 9.60 1.71
CA GLY A 132 27.40 10.92 2.05
C GLY A 132 26.02 11.13 1.48
N LYS A 133 25.66 12.41 1.30
CA LYS A 133 24.33 12.77 0.87
C LYS A 133 24.39 13.90 -0.15
N SER A 134 23.43 13.90 -1.07
CA SER A 134 23.47 14.75 -2.27
C SER A 134 22.59 15.99 -2.11
N ASN A 135 22.83 16.96 -2.99
CA ASN A 135 22.30 18.31 -2.83
C ASN A 135 20.83 18.39 -3.22
N ILE A 136 20.16 19.40 -2.66
CA ILE A 136 18.72 19.59 -2.81
C ILE A 136 18.40 21.07 -2.82
N PRO A 137 17.23 21.49 -3.31
CA PRO A 137 16.81 22.88 -3.13
C PRO A 137 16.13 23.08 -1.78
N VAL A 138 15.84 24.35 -1.47
CA VAL A 138 15.25 24.70 -0.20
C VAL A 138 13.81 24.17 -0.15
N GLY A 139 13.53 23.33 0.84
CA GLY A 139 12.19 22.78 0.97
C GLY A 139 11.81 21.80 -0.10
N LEU A 140 12.78 21.32 -0.88
CA LEU A 140 12.56 20.37 -1.98
C LEU A 140 11.55 20.90 -3.00
N ALA A 141 11.39 22.22 -3.10
CA ALA A 141 10.33 22.79 -3.93
C ALA A 141 10.88 23.49 -5.17
N ASP A 142 11.67 22.78 -5.98
CA ASP A 142 12.21 23.39 -7.19
C ASP A 142 12.71 22.31 -8.11
N TRP A 143 12.76 22.64 -9.41
CA TRP A 143 13.47 21.85 -10.40
C TRP A 143 14.94 22.25 -10.54
N GLN A 144 15.52 22.78 -9.46
CA GLN A 144 16.95 23.00 -9.34
C GLN A 144 17.42 22.43 -8.01
N SER A 145 18.72 22.49 -7.76
CA SER A 145 19.32 22.07 -6.49
C SER A 145 20.28 23.17 -6.04
N VAL A 146 19.76 24.10 -5.25
CA VAL A 146 20.52 25.26 -4.78
C VAL A 146 19.94 25.69 -3.44
N ASN A 147 20.82 25.94 -2.46
CA ASN A 147 20.41 26.27 -1.11
C ASN A 147 21.55 27.01 -0.42
N PRO A 148 21.24 27.80 0.61
CA PRO A 148 22.30 28.57 1.29
C PRO A 148 23.23 27.73 2.16
N ASN A 149 22.87 26.48 2.46
CA ASN A 149 23.74 25.64 3.28
C ASN A 149 24.92 25.10 2.47
N TYR A 150 24.68 24.71 1.22
CA TYR A 150 25.68 24.02 0.43
C TYR A 150 26.03 24.69 -0.89
N GLY A 151 25.17 25.55 -1.42
CA GLY A 151 25.43 26.15 -2.72
C GLY A 151 24.60 25.53 -3.82
N ARG A 152 25.11 25.57 -5.05
CA ARG A 152 24.35 25.17 -6.23
C ARG A 152 25.00 23.97 -6.90
N THR A 153 24.15 23.08 -7.43
CA THR A 153 24.59 21.93 -8.21
C THR A 153 24.47 22.26 -9.69
N ASN A 154 25.52 21.96 -10.46
CA ASN A 154 25.61 22.29 -11.86
C ASN A 154 25.53 21.03 -12.71
N ASN A 155 24.82 21.11 -13.82
CA ASN A 155 24.65 19.96 -14.70
C ASN A 155 26.02 19.51 -15.24
N PRO A 156 26.38 18.24 -15.09
CA PRO A 156 27.69 17.79 -15.59
C PRO A 156 27.85 17.91 -17.10
N HIS A 157 26.76 17.91 -17.87
CA HIS A 157 26.87 18.08 -19.31
C HIS A 157 27.01 19.55 -19.72
N ASP A 158 26.65 20.47 -18.83
CA ASP A 158 26.74 21.91 -19.08
C ASP A 158 26.58 22.63 -17.75
N HIS A 159 27.70 23.14 -17.20
CA HIS A 159 27.69 23.76 -15.88
C HIS A 159 26.83 25.02 -15.82
N SER A 160 26.39 25.54 -16.97
CA SER A 160 25.53 26.72 -16.98
C SER A 160 24.05 26.38 -16.80
N ARG A 161 23.70 25.09 -16.76
CA ARG A 161 22.32 24.65 -16.72
C ARG A 161 22.01 23.95 -15.40
N SER A 162 20.72 23.87 -15.06
CA SER A 162 20.30 23.22 -13.81
C SER A 162 20.40 21.69 -13.88
N ALA A 163 20.91 21.06 -12.84
CA ALA A 163 20.92 19.58 -12.73
C ALA A 163 19.79 19.20 -11.79
N GLY A 164 18.91 20.14 -11.43
CA GLY A 164 17.95 20.02 -10.33
C GLY A 164 16.64 19.31 -10.58
N GLY A 165 15.66 19.49 -9.70
CA GLY A 165 14.42 18.71 -9.71
C GLY A 165 14.25 18.24 -8.29
N SER A 166 15.25 18.51 -7.43
CA SER A 166 15.28 18.19 -5.97
C SER A 166 16.04 16.89 -5.73
N SER A 167 16.23 16.06 -6.75
CA SER A 167 17.11 14.88 -6.63
C SER A 167 18.32 15.18 -7.51
N GLY A 168 18.50 16.45 -7.88
CA GLY A 168 19.56 16.81 -8.83
C GLY A 168 20.95 16.51 -8.32
N GLY A 169 21.22 16.78 -7.05
CA GLY A 169 22.53 16.38 -6.51
C GLY A 169 22.71 14.90 -6.76
N ALA A 170 21.62 14.14 -6.62
CA ALA A 170 21.70 12.69 -6.81
C ALA A 170 21.96 12.35 -8.28
N ALA A 171 21.24 13.01 -9.19
CA ALA A 171 21.40 12.74 -10.61
C ALA A 171 22.74 13.24 -11.14
N ALA A 172 23.25 14.35 -10.60
CA ALA A 172 24.54 14.85 -11.04
C ALA A 172 25.66 13.92 -10.62
N ALA A 173 25.57 13.35 -9.42
CA ALA A 173 26.59 12.42 -8.96
C ALA A 173 26.61 11.16 -9.82
N LEU A 174 25.45 10.71 -10.28
CA LEU A 174 25.39 9.54 -11.16
C LEU A 174 25.92 9.87 -12.55
N ALA A 175 25.55 11.02 -13.09
CA ALA A 175 26.03 11.43 -14.41
C ALA A 175 27.53 11.68 -14.41
N ALA A 176 28.08 12.14 -13.29
CA ALA A 176 29.52 12.37 -13.18
C ALA A 176 30.29 11.11 -12.83
N GLY A 177 29.62 10.00 -12.59
CA GLY A 177 30.29 8.75 -12.28
C GLY A 177 30.84 8.64 -10.89
N MET A 178 30.42 9.51 -9.95
CA MET A 178 30.96 9.45 -8.61
C MET A 178 30.50 8.21 -7.87
N VAL A 179 29.20 7.90 -7.92
CA VAL A 179 28.64 6.74 -7.26
C VAL A 179 27.73 5.99 -8.22
N PRO A 180 27.60 4.67 -8.11
CA PRO A 180 26.76 3.91 -9.06
C PRO A 180 25.28 3.82 -8.70
N LEU A 181 24.85 4.33 -7.55
CA LEU A 181 23.46 4.17 -7.13
C LEU A 181 23.07 5.33 -6.24
N GLU A 182 21.79 5.71 -6.32
CA GLU A 182 21.25 6.79 -5.50
C GLU A 182 19.77 6.52 -5.26
N TYR A 183 19.16 7.39 -4.46
CA TYR A 183 17.75 7.25 -4.08
C TYR A 183 17.18 8.64 -3.81
N GLY A 184 16.04 8.95 -4.43
CA GLY A 184 15.40 10.23 -4.26
C GLY A 184 13.94 10.11 -3.88
N SER A 185 13.30 11.27 -3.75
CA SER A 185 11.87 11.38 -3.52
C SER A 185 11.25 12.07 -4.73
N ASP A 186 9.92 12.07 -4.80
CA ASP A 186 9.21 12.64 -5.95
C ASP A 186 7.79 12.98 -5.56
N ILE A 187 7.47 14.27 -5.58
CA ILE A 187 6.08 14.72 -5.47
C ILE A 187 5.63 15.53 -6.67
N GLY A 188 6.55 16.07 -7.46
CA GLY A 188 6.22 16.82 -8.66
C GLY A 188 7.28 16.66 -9.73
N GLY A 189 7.83 15.44 -9.84
CA GLY A 189 8.87 15.15 -10.80
C GLY A 189 10.26 15.07 -10.24
N ALA A 190 10.40 15.07 -8.91
CA ALA A 190 11.69 15.18 -8.25
C ALA A 190 12.65 14.04 -8.57
N ILE A 191 12.17 12.93 -9.12
CA ILE A 191 13.03 11.84 -9.57
C ILE A 191 13.16 11.82 -11.08
N ARG A 192 12.04 11.97 -11.78
CA ARG A 192 12.05 11.89 -13.23
C ARG A 192 12.76 13.09 -13.86
N VAL A 193 12.58 14.27 -13.29
CA VAL A 193 13.14 15.50 -13.86
C VAL A 193 14.66 15.54 -13.71
N PRO A 194 15.24 15.31 -12.52
CA PRO A 194 16.71 15.32 -12.44
C PRO A 194 17.38 14.25 -13.29
N ALA A 195 16.79 13.05 -13.33
CA ALA A 195 17.27 12.02 -14.24
C ALA A 195 17.16 12.46 -15.69
N HIS A 196 16.16 13.29 -16.01
CA HIS A 196 16.00 13.76 -17.38
C HIS A 196 17.05 14.82 -17.72
N PHE A 197 17.22 15.81 -16.83
CA PHE A 197 18.17 16.88 -17.08
C PHE A 197 19.60 16.36 -17.14
N CYS A 198 19.94 15.40 -16.29
CA CYS A 198 21.29 14.87 -16.19
C CYS A 198 21.47 13.59 -17.00
N GLY A 199 20.42 13.05 -17.58
CA GLY A 199 20.55 11.89 -18.47
C GLY A 199 20.86 10.58 -17.79
N VAL A 200 20.23 10.30 -16.65
CA VAL A 200 20.43 9.03 -15.96
C VAL A 200 19.07 8.36 -15.80
N TRP A 201 19.05 7.23 -15.09
CA TRP A 201 17.83 6.47 -14.91
C TRP A 201 17.20 6.81 -13.56
N GLY A 202 15.90 7.08 -13.59
CA GLY A 202 15.16 7.35 -12.38
C GLY A 202 13.78 6.73 -12.44
N LEU A 203 13.36 6.09 -11.35
CA LEU A 203 12.08 5.40 -11.29
C LEU A 203 11.21 6.04 -10.21
N LYS A 204 10.18 6.76 -10.64
CA LYS A 204 9.10 7.13 -9.74
C LYS A 204 8.25 5.89 -9.47
N THR A 205 8.13 5.51 -8.20
CA THR A 205 7.50 4.24 -7.85
C THR A 205 6.00 4.43 -7.60
N THR A 206 5.30 3.29 -7.61
CA THR A 206 3.88 3.28 -7.28
C THR A 206 3.65 3.88 -5.91
N PHE A 207 2.61 4.71 -5.80
CA PHE A 207 2.32 5.37 -4.54
C PHE A 207 2.05 4.33 -3.45
N ASP A 208 2.60 4.58 -2.26
CA ASP A 208 2.51 3.73 -1.08
C ASP A 208 3.29 2.43 -1.20
N ALA A 209 4.13 2.29 -2.23
CA ALA A 209 4.89 1.05 -2.39
C ALA A 209 6.18 1.02 -1.59
N VAL A 210 6.78 2.18 -1.31
CA VAL A 210 8.00 2.25 -0.53
C VAL A 210 7.77 3.18 0.65
N SER A 211 8.23 2.77 1.83
CA SER A 211 8.02 3.56 3.03
C SER A 211 8.81 4.86 2.99
N LEU A 212 8.18 5.94 3.44
CA LEU A 212 8.82 7.24 3.52
C LEU A 212 9.40 7.51 4.90
N GLU A 213 9.50 6.49 5.75
CA GLU A 213 10.01 6.68 7.10
C GLU A 213 11.45 7.18 7.07
N GLY A 214 11.74 8.19 7.87
CA GLY A 214 13.03 8.82 7.88
C GLY A 214 13.20 9.94 6.87
N HIS A 215 12.31 10.05 5.89
CA HIS A 215 12.27 11.20 5.01
C HIS A 215 11.52 12.33 5.71
N TYR A 216 11.90 12.59 6.96
CA TYR A 216 11.18 13.52 7.81
C TYR A 216 11.53 14.96 7.45
N PHE A 217 10.54 15.84 7.55
CA PHE A 217 10.85 17.26 7.58
C PHE A 217 11.72 17.54 8.80
N PRO A 218 12.73 18.40 8.68
CA PRO A 218 13.69 18.59 9.78
C PRO A 218 13.00 18.97 11.08
N ARG A 219 13.46 18.34 12.17
CA ARG A 219 13.03 18.56 13.56
C ARG A 219 11.62 18.05 13.82
N THR A 220 11.03 17.27 12.92
CA THR A 220 9.74 16.64 13.13
C THR A 220 9.87 15.16 12.77
N ASP A 221 8.79 14.41 13.00
CA ASP A 221 8.65 13.05 12.50
C ASP A 221 7.50 12.96 11.49
N SER A 222 7.33 14.01 10.70
CA SER A 222 6.32 14.07 9.66
C SER A 222 6.98 13.71 8.34
N ALA A 223 6.63 12.55 7.79
CA ALA A 223 7.18 12.07 6.53
C ALA A 223 6.11 11.75 5.50
N LYS A 224 5.06 11.03 5.91
CA LYS A 224 4.03 10.63 4.97
C LYS A 224 3.32 11.84 4.38
N ALA A 225 3.06 11.79 3.08
CA ALA A 225 2.35 12.84 2.38
C ALA A 225 1.81 12.27 1.09
N ASP A 226 0.54 12.58 0.79
CA ASP A 226 -0.08 12.08 -0.42
C ASP A 226 0.71 12.53 -1.66
N LEU A 227 0.55 11.77 -2.74
CA LEU A 227 1.21 12.00 -4.03
C LEU A 227 2.71 11.69 -3.97
N SER A 228 3.36 11.98 -2.84
CA SER A 228 4.80 11.83 -2.74
C SER A 228 5.21 10.36 -2.67
N VAL A 229 6.31 10.03 -3.36
CA VAL A 229 6.90 8.70 -3.34
C VAL A 229 8.42 8.85 -3.26
N VAL A 230 9.10 7.74 -2.98
CA VAL A 230 10.54 7.66 -3.06
C VAL A 230 10.90 6.49 -3.96
N GLY A 231 12.01 6.63 -4.68
CA GLY A 231 12.42 5.65 -5.66
C GLY A 231 13.89 5.70 -5.99
N PRO A 232 14.41 4.63 -6.59
CA PRO A 232 15.85 4.57 -6.86
C PRO A 232 16.25 5.32 -8.12
N MET A 233 17.51 5.74 -8.13
CA MET A 233 18.13 6.40 -9.28
C MET A 233 19.50 5.77 -9.51
N ALA A 234 19.80 5.44 -10.76
CA ALA A 234 21.04 4.75 -11.10
C ALA A 234 21.37 5.02 -12.56
N ARG A 235 22.34 4.27 -13.09
CA ARG A 235 22.74 4.39 -14.48
C ARG A 235 22.30 3.22 -15.34
N THR A 236 21.85 2.11 -14.75
CA THR A 236 21.35 0.96 -15.47
C THR A 236 19.99 0.56 -14.92
N PRO A 237 19.12 0.01 -15.77
CA PRO A 237 17.81 -0.43 -15.26
C PRO A 237 17.88 -1.60 -14.30
N ALA A 238 18.88 -2.48 -14.46
CA ALA A 238 19.00 -3.62 -13.56
C ALA A 238 19.30 -3.17 -12.14
N ASP A 239 20.08 -2.09 -11.99
CA ASP A 239 20.32 -1.54 -10.65
C ASP A 239 19.03 -1.02 -10.03
N LEU A 240 18.15 -0.44 -10.85
CA LEU A 240 16.86 0.02 -10.35
C LEU A 240 16.03 -1.15 -9.84
N ALA A 241 16.01 -2.25 -10.59
CA ALA A 241 15.23 -3.41 -10.19
C ALA A 241 15.75 -4.01 -8.89
N LEU A 242 17.07 -4.03 -8.70
CA LEU A 242 17.63 -4.58 -7.48
C LEU A 242 17.31 -3.68 -6.28
N ALA A 243 17.58 -2.38 -6.41
CA ALA A 243 17.30 -1.45 -5.33
C ALA A 243 15.82 -1.42 -4.98
N LEU A 244 14.95 -1.62 -5.96
CA LEU A 244 13.51 -1.66 -5.68
C LEU A 244 13.14 -2.90 -4.88
N ASP A 245 13.72 -4.05 -5.22
CA ASP A 245 13.45 -5.27 -4.46
C ASP A 245 14.01 -5.17 -3.05
N ILE A 246 15.08 -4.39 -2.86
CA ILE A 246 15.67 -4.26 -1.53
C ILE A 246 14.84 -3.33 -0.65
N THR A 247 14.14 -2.36 -1.26
CA THR A 247 13.54 -1.26 -0.52
C THR A 247 12.02 -1.30 -0.41
N SER A 248 11.34 -2.00 -1.30
CA SER A 248 9.88 -1.97 -1.30
C SER A 248 9.32 -2.61 -0.03
N LYS A 249 8.10 -2.19 0.33
CA LYS A 249 7.46 -2.73 1.54
C LYS A 249 7.33 -4.24 1.45
N VAL A 250 6.84 -4.74 0.33
CA VAL A 250 6.83 -6.18 0.05
C VAL A 250 7.42 -6.40 -1.33
N PRO A 251 7.91 -7.60 -1.61
CA PRO A 251 8.40 -7.90 -2.96
C PRO A 251 7.31 -7.69 -4.00
N LEU A 252 7.56 -6.78 -4.93
CA LEU A 252 6.60 -6.44 -5.97
C LEU A 252 6.68 -7.46 -7.11
N PRO A 253 5.60 -7.60 -7.88
CA PRO A 253 5.58 -8.62 -8.94
C PRO A 253 6.68 -8.38 -9.98
N GLN A 254 7.46 -9.43 -10.23
CA GLN A 254 8.50 -9.34 -11.25
C GLN A 254 7.88 -9.32 -12.64
N SER A 255 8.61 -8.73 -13.58
CA SER A 255 8.12 -8.60 -14.95
C SER A 255 8.32 -9.89 -15.71
N ARG A 256 7.30 -10.28 -16.49
CA ARG A 256 7.38 -11.42 -17.38
C ARG A 256 7.47 -11.02 -18.84
N ILE A 257 7.53 -9.71 -19.12
CA ILE A 257 7.67 -9.21 -20.48
C ILE A 257 9.02 -9.66 -21.04
N ALA A 258 8.98 -10.63 -21.95
CA ALA A 258 10.22 -11.17 -22.50
C ALA A 258 10.81 -10.26 -23.56
N ASN A 259 9.99 -9.71 -24.43
CA ASN A 259 10.47 -8.81 -25.49
C ASN A 259 9.37 -7.78 -25.79
N LEU A 260 9.54 -7.04 -26.88
CA LEU A 260 8.67 -5.92 -27.21
C LEU A 260 7.52 -6.28 -28.12
N SER A 261 7.53 -7.46 -28.74
CA SER A 261 6.47 -7.83 -29.67
C SER A 261 5.14 -7.98 -28.93
N GLY A 262 4.08 -7.46 -29.54
CA GLY A 262 2.77 -7.45 -28.93
C GLY A 262 2.54 -6.37 -27.90
N LEU A 263 3.60 -5.71 -27.43
CA LEU A 263 3.45 -4.66 -26.43
C LEU A 263 2.64 -3.50 -27.00
N ARG A 264 1.66 -3.03 -26.24
CA ARG A 264 0.77 -1.96 -26.66
C ARG A 264 1.23 -0.66 -26.03
N ILE A 265 1.47 0.35 -26.86
CA ILE A 265 2.01 1.63 -26.42
C ILE A 265 1.05 2.74 -26.79
N LEU A 266 0.81 3.65 -25.84
CA LEU A 266 0.13 4.91 -26.12
C LEU A 266 1.19 6.01 -26.20
N LEU A 267 1.29 6.64 -27.37
CA LEU A 267 2.32 7.62 -27.64
C LEU A 267 1.71 9.02 -27.53
N LEU A 268 2.19 9.78 -26.55
CA LEU A 268 1.74 11.15 -26.31
C LEU A 268 2.93 12.09 -26.49
N THR A 269 2.86 12.95 -27.50
CA THR A 269 3.85 14.00 -27.70
C THR A 269 3.24 15.39 -27.54
N ALA A 270 2.02 15.47 -27.02
CA ALA A 270 1.35 16.74 -26.79
C ALA A 270 0.56 16.67 -25.49
N HIS A 271 0.38 17.83 -24.86
CA HIS A 271 -0.36 17.97 -23.63
C HIS A 271 -1.25 19.20 -23.76
N PRO A 272 -2.52 19.11 -23.37
CA PRO A 272 -3.44 20.25 -23.58
C PRO A 272 -3.08 21.49 -22.78
N GLU A 273 -2.18 21.40 -21.80
CA GLU A 273 -1.88 22.52 -20.94
C GLU A 273 -0.42 22.95 -20.96
N THR A 274 0.43 22.30 -21.75
CA THR A 274 1.84 22.68 -21.83
C THR A 274 2.39 22.26 -23.18
N VAL A 275 3.70 22.48 -23.38
CA VAL A 275 4.33 22.32 -24.68
C VAL A 275 5.62 21.53 -24.54
N ALA A 276 6.16 21.11 -25.69
CA ALA A 276 7.37 20.30 -25.73
C ALA A 276 8.28 20.75 -26.85
N ASP A 277 9.58 20.50 -26.68
CA ASP A 277 10.55 20.77 -27.74
C ASP A 277 10.23 19.93 -28.97
N SER A 278 10.60 20.47 -30.14
CA SER A 278 10.55 19.66 -31.35
C SER A 278 11.64 18.59 -31.34
N ALA A 279 12.75 18.86 -30.64
CA ALA A 279 13.76 17.83 -30.44
C ALA A 279 13.26 16.76 -29.46
N THR A 280 12.52 17.17 -28.43
CA THR A 280 11.95 16.20 -27.50
C THR A 280 10.85 15.38 -28.16
N ILE A 281 9.99 16.03 -28.94
CA ILE A 281 8.90 15.33 -29.62
C ILE A 281 9.44 14.26 -30.55
N SER A 282 10.48 14.60 -31.33
CA SER A 282 11.06 13.63 -32.25
C SER A 282 11.79 12.52 -31.52
N ALA A 283 12.42 12.83 -30.38
CA ALA A 283 13.11 11.79 -29.62
C ALA A 283 12.13 10.76 -29.08
N VAL A 284 10.98 11.23 -28.57
CA VAL A 284 9.96 10.31 -28.09
C VAL A 284 9.37 9.52 -29.24
N GLU A 285 9.18 10.17 -30.39
CA GLU A 285 8.70 9.46 -31.57
C GLU A 285 9.72 8.46 -32.08
N ARG A 286 11.02 8.79 -31.96
CA ARG A 286 12.05 7.83 -32.35
C ARG A 286 12.06 6.62 -31.42
N ALA A 287 11.71 6.81 -30.14
CA ALA A 287 11.68 5.69 -29.21
C ALA A 287 10.53 4.74 -29.54
N ALA A 288 9.34 5.30 -29.79
CA ALA A 288 8.19 4.46 -30.13
C ALA A 288 8.39 3.77 -31.46
N ALA A 289 9.07 4.43 -32.41
CA ALA A 289 9.32 3.81 -33.70
C ALA A 289 10.25 2.61 -33.57
N ALA A 290 11.24 2.70 -32.69
CA ALA A 290 12.13 1.58 -32.42
C ALA A 290 11.39 0.40 -31.81
N CYS A 291 10.25 0.64 -31.16
CA CYS A 291 9.47 -0.47 -30.61
C CYS A 291 8.56 -1.10 -31.67
N GLU A 292 8.00 -0.28 -32.57
CA GLU A 292 7.26 -0.82 -33.70
C GLU A 292 8.14 -1.75 -34.53
N ALA A 293 9.39 -1.36 -34.75
CA ALA A 293 10.33 -2.20 -35.47
C ALA A 293 10.68 -3.47 -34.71
N SER A 294 10.36 -3.54 -33.41
CA SER A 294 10.59 -4.72 -32.60
C SER A 294 9.32 -5.51 -32.32
N GLY A 295 8.25 -5.23 -33.06
CA GLY A 295 7.01 -5.97 -32.93
C GLY A 295 5.93 -5.34 -32.07
N ALA A 296 6.17 -4.15 -31.54
CA ALA A 296 5.17 -3.51 -30.70
C ALA A 296 4.15 -2.75 -31.56
N THR A 297 3.01 -2.44 -30.95
CA THR A 297 1.97 -1.64 -31.56
C THR A 297 1.88 -0.31 -30.83
N VAL A 298 1.75 0.77 -31.60
CA VAL A 298 1.79 2.13 -31.06
C VAL A 298 0.54 2.87 -31.51
N ALA A 299 -0.27 3.29 -30.53
CA ALA A 299 -1.38 4.19 -30.79
C ALA A 299 -0.95 5.62 -30.47
N THR A 300 -1.66 6.59 -31.07
CA THR A 300 -1.41 8.00 -30.84
C THR A 300 -2.59 8.71 -30.19
N SER A 301 -3.66 7.99 -29.88
CA SER A 301 -4.81 8.52 -29.17
C SER A 301 -5.64 7.34 -28.69
N SER A 302 -6.55 7.63 -27.73
CA SER A 302 -7.42 6.61 -27.18
C SER A 302 -8.66 7.29 -26.59
N PRO A 303 -9.85 6.75 -26.81
CA PRO A 303 -11.05 7.30 -26.14
C PRO A 303 -11.00 7.14 -24.64
N ASP A 304 -10.05 6.37 -24.11
CA ASP A 304 -9.97 6.10 -22.68
C ASP A 304 -8.91 6.92 -21.97
N LEU A 305 -8.22 7.80 -22.66
CA LEU A 305 -7.27 8.69 -22.00
C LEU A 305 -8.04 9.68 -21.15
N PRO A 306 -7.80 9.76 -19.85
CA PRO A 306 -8.51 10.72 -19.02
C PRO A 306 -8.21 12.15 -19.45
N ASP A 307 -9.10 13.06 -19.07
CA ASP A 307 -8.91 14.48 -19.38
C ASP A 307 -7.64 14.97 -18.68
N LEU A 308 -6.56 15.09 -19.44
CA LEU A 308 -5.31 15.58 -18.87
C LEU A 308 -5.43 17.03 -18.41
N SER A 309 -6.29 17.82 -19.06
CA SER A 309 -6.51 19.19 -18.63
C SER A 309 -7.14 19.24 -17.24
N ALA A 310 -8.20 18.45 -17.03
CA ALA A 310 -8.81 18.38 -15.71
C ALA A 310 -7.91 17.68 -14.70
N LEU A 311 -7.02 16.80 -15.18
CA LEU A 311 -6.13 16.08 -14.27
C LEU A 311 -5.15 17.04 -13.59
N VAL A 312 -4.47 17.87 -14.38
CA VAL A 312 -3.44 18.75 -13.83
C VAL A 312 -4.06 19.81 -12.92
N ALA A 313 -5.31 20.21 -13.19
CA ALA A 313 -5.96 21.18 -12.33
C ALA A 313 -6.28 20.57 -10.96
N ASP A 314 -6.81 19.35 -10.94
CA ASP A 314 -7.08 18.68 -9.66
C ASP A 314 -5.78 18.33 -8.95
N TYR A 315 -4.76 17.91 -9.70
CA TYR A 315 -3.48 17.58 -9.07
C TYR A 315 -2.82 18.81 -8.47
N THR A 316 -2.88 19.94 -9.18
CA THR A 316 -2.25 21.16 -8.70
C THR A 316 -2.88 21.62 -7.39
N ARG A 317 -4.21 21.56 -7.29
CA ARG A 317 -4.88 22.04 -6.09
C ARG A 317 -4.71 21.06 -4.93
N MET A 318 -4.55 19.77 -5.20
CA MET A 318 -4.21 18.84 -4.12
C MET A 318 -2.76 19.02 -3.70
N LEU A 319 -1.88 19.29 -4.67
CA LEU A 319 -0.46 19.48 -4.37
C LEU A 319 -0.25 20.68 -3.45
N LEU A 320 -0.85 21.81 -3.79
CA LEU A 320 -0.70 23.02 -2.97
C LEU A 320 -1.26 22.81 -1.57
N VAL A 321 -2.34 22.03 -1.44
CA VAL A 321 -2.91 21.75 -0.13
C VAL A 321 -1.97 20.88 0.69
N VAL A 322 -1.40 19.84 0.07
CA VAL A 322 -0.51 18.94 0.78
C VAL A 322 0.75 19.69 1.22
N LEU A 323 1.30 20.52 0.34
CA LEU A 323 2.53 21.24 0.68
C LEU A 323 2.31 22.26 1.79
N ALA A 324 1.15 22.91 1.80
CA ALA A 324 0.80 23.86 2.85
C ALA A 324 0.21 23.19 4.08
N ARG A 325 0.08 21.86 4.08
CA ARG A 325 -0.46 21.09 5.20
C ARG A 325 -1.84 21.62 5.62
N GLY A 326 -2.67 21.94 4.63
CA GLY A 326 -4.01 22.40 4.92
C GLY A 326 -4.12 23.80 5.47
N LEU A 327 -3.03 24.54 5.54
CA LEU A 327 -3.04 25.92 6.02
C LEU A 327 -3.31 26.87 4.86
N ALA A 328 -3.96 27.98 5.19
CA ALA A 328 -4.35 29.00 4.23
C ALA A 328 -3.73 30.34 4.61
N PRO A 329 -3.59 31.27 3.65
CA PRO A 329 -3.05 32.59 3.99
C PRO A 329 -3.90 33.37 4.98
N GLU A 330 -3.46 34.57 5.35
CA GLU A 330 -4.19 35.38 6.31
C GLU A 330 -5.54 35.79 5.75
N GLY A 331 -6.60 35.53 6.50
CA GLY A 331 -7.95 35.86 6.08
C GLY A 331 -8.55 34.91 5.08
N THR A 332 -7.72 34.20 4.32
CA THR A 332 -8.22 33.19 3.41
C THR A 332 -8.77 32.01 4.18
N GLU A 333 -9.91 31.50 3.75
CA GLU A 333 -10.51 30.34 4.38
C GLU A 333 -9.83 29.06 3.89
N PRO A 334 -9.51 28.16 4.81
CA PRO A 334 -8.81 26.93 4.43
C PRO A 334 -9.76 25.89 3.85
N VAL A 335 -9.17 24.88 3.21
CA VAL A 335 -9.94 23.74 2.75
C VAL A 335 -10.40 22.95 3.96
N SER A 336 -11.71 22.69 4.04
CA SER A 336 -12.23 21.90 5.14
C SER A 336 -11.82 20.45 4.99
N LEU A 337 -11.84 19.73 6.12
CA LEU A 337 -11.51 18.31 6.09
C LEU A 337 -12.52 17.52 5.25
N ASN A 338 -13.78 17.96 5.22
CA ASN A 338 -14.78 17.28 4.39
C ASN A 338 -14.47 17.47 2.91
N ALA A 339 -14.09 18.67 2.51
CA ALA A 339 -13.69 18.89 1.12
C ALA A 339 -12.44 18.09 0.78
N TRP A 340 -11.57 17.85 1.76
CA TRP A 340 -10.37 17.06 1.53
C TRP A 340 -10.73 15.61 1.21
N TYR A 341 -11.67 15.04 1.97
CA TYR A 341 -12.13 13.68 1.70
C TYR A 341 -12.76 13.58 0.31
N ALA A 342 -13.46 14.64 -0.11
CA ALA A 342 -14.02 14.66 -1.46
C ALA A 342 -12.92 14.74 -2.52
N MET A 343 -11.80 15.40 -2.18
CA MET A 343 -10.70 15.49 -3.13
C MET A 343 -10.02 14.15 -3.33
N LEU A 344 -9.84 13.39 -2.24
CA LEU A 344 -9.28 12.05 -2.35
C LEU A 344 -10.20 11.13 -3.15
N ASP A 345 -11.52 11.35 -3.07
CA ASP A 345 -12.44 10.62 -3.93
C ASP A 345 -12.23 11.00 -5.39
N ASP A 346 -11.98 12.28 -5.66
CA ASP A 346 -11.70 12.71 -7.02
C ASP A 346 -10.44 12.04 -7.55
N GLN A 347 -9.46 11.81 -6.67
CA GLN A 347 -8.23 11.12 -7.09
C GLN A 347 -8.51 9.67 -7.43
N ALA A 348 -9.22 8.95 -6.55
CA ALA A 348 -9.55 7.55 -6.79
C ALA A 348 -10.38 7.39 -8.06
N ARG A 349 -11.23 8.37 -8.37
CA ARG A 349 -11.98 8.33 -9.61
C ARG A 349 -11.05 8.41 -10.81
N MET A 350 -10.03 9.27 -10.74
CA MET A 350 -9.04 9.37 -11.82
C MET A 350 -8.19 8.11 -11.91
N MET A 351 -7.88 7.51 -10.76
CA MET A 351 -7.10 6.27 -10.76
C MET A 351 -7.85 5.15 -11.46
N ARG A 352 -9.16 5.06 -11.23
CA ARG A 352 -9.97 4.07 -11.94
C ARG A 352 -10.04 4.38 -13.42
N ALA A 353 -9.98 5.65 -13.79
CA ALA A 353 -9.97 6.01 -15.22
C ALA A 353 -8.70 5.50 -15.89
N PHE A 354 -7.56 5.59 -15.20
CA PHE A 354 -6.34 4.99 -15.72
C PHE A 354 -6.40 3.47 -15.68
N ASP A 355 -7.18 2.90 -14.76
CA ASP A 355 -7.34 1.44 -14.76
C ASP A 355 -7.98 0.97 -16.06
N ARG A 356 -8.98 1.70 -16.56
CA ARG A 356 -9.60 1.33 -17.83
C ARG A 356 -8.64 1.54 -19.00
N LEU A 357 -7.84 2.60 -18.94
CA LEU A 357 -6.88 2.86 -20.01
C LEU A 357 -5.85 1.73 -20.11
N PHE A 358 -5.29 1.31 -18.98
CA PHE A 358 -4.28 0.27 -18.99
C PHE A 358 -4.87 -1.12 -19.26
N GLU A 359 -6.19 -1.25 -19.38
CA GLU A 359 -6.75 -2.48 -19.92
C GLU A 359 -6.53 -2.58 -21.42
N SER A 360 -6.22 -1.45 -22.08
CA SER A 360 -5.98 -1.41 -23.51
C SER A 360 -4.52 -1.22 -23.88
N PHE A 361 -3.70 -0.71 -22.96
CA PHE A 361 -2.30 -0.43 -23.23
C PHE A 361 -1.44 -0.98 -22.11
N ASP A 362 -0.18 -1.28 -22.45
CA ASP A 362 0.80 -1.75 -21.48
C ASP A 362 1.65 -0.62 -20.93
N ALA A 363 1.83 0.48 -21.66
CA ALA A 363 2.67 1.57 -21.20
C ALA A 363 2.36 2.82 -22.01
N ILE A 364 2.53 3.97 -21.35
CA ILE A 364 2.43 5.27 -22.00
C ILE A 364 3.84 5.80 -22.23
N PHE A 365 4.14 6.19 -23.47
CA PHE A 365 5.39 6.86 -23.80
C PHE A 365 5.11 8.34 -23.99
N CYS A 366 5.83 9.17 -23.24
CA CYS A 366 5.61 10.62 -23.25
C CYS A 366 6.88 11.29 -22.75
N PRO A 367 7.03 12.59 -22.99
CA PRO A 367 8.20 13.29 -22.45
C PRO A 367 8.15 13.43 -20.94
N VAL A 368 9.33 13.47 -20.32
CA VAL A 368 9.43 13.80 -18.90
C VAL A 368 9.10 15.27 -18.71
N LEU A 369 9.70 16.14 -19.51
CA LEU A 369 9.44 17.57 -19.51
C LEU A 369 9.49 18.08 -20.94
N GLY A 370 8.94 19.27 -21.15
CA GLY A 370 8.85 19.82 -22.49
C GLY A 370 10.19 20.17 -23.10
N THR A 371 11.18 20.51 -22.27
CA THR A 371 12.49 20.90 -22.75
C THR A 371 13.56 20.28 -21.87
N THR A 372 14.81 20.48 -22.25
CA THR A 372 15.94 19.95 -21.50
C THR A 372 16.35 20.97 -20.43
N ALA A 373 17.51 20.72 -19.80
CA ALA A 373 17.93 21.49 -18.64
C ALA A 373 18.00 22.99 -18.95
N PHE A 374 17.31 23.78 -18.15
CA PHE A 374 17.27 25.22 -18.31
C PHE A 374 18.44 25.88 -17.55
N ALA A 375 18.70 27.14 -17.90
CA ALA A 375 19.78 27.87 -17.25
C ALA A 375 19.42 28.18 -15.79
N HIS A 376 20.47 28.36 -14.98
CA HIS A 376 20.27 28.61 -13.56
C HIS A 376 19.37 29.81 -13.32
N SER A 377 18.40 29.63 -12.43
CA SER A 377 17.46 30.69 -12.06
C SER A 377 17.66 31.07 -10.60
N ASP A 378 17.57 32.37 -10.31
CA ASP A 378 17.65 32.87 -8.95
C ASP A 378 16.28 33.21 -8.39
N GLU A 379 15.22 32.95 -9.14
CA GLU A 379 13.87 33.30 -8.71
C GLU A 379 13.19 32.09 -8.10
N PRO A 380 12.92 32.09 -6.78
CA PRO A 380 12.24 30.92 -6.19
C PRO A 380 10.82 30.72 -6.69
N ASP A 381 10.10 31.82 -6.92
CA ASP A 381 8.69 31.71 -7.31
C ASP A 381 8.59 31.22 -8.76
N TRP A 382 7.96 30.06 -8.95
CA TRP A 382 7.77 29.54 -10.30
C TRP A 382 6.87 30.46 -11.12
N ALA A 383 5.90 31.12 -10.49
CA ALA A 383 5.02 32.04 -11.21
C ALA A 383 5.75 33.24 -11.77
N LYS A 384 7.01 33.46 -11.36
CA LYS A 384 7.84 34.54 -11.87
C LYS A 384 8.96 34.02 -12.77
N ARG A 385 8.80 32.84 -13.35
CA ARG A 385 9.77 32.26 -14.27
C ARG A 385 9.13 32.02 -15.63
N SER A 386 9.99 31.71 -16.60
CA SER A 386 9.54 31.29 -17.92
C SER A 386 10.56 30.29 -18.46
N LEU A 387 10.27 29.73 -19.63
CA LEU A 387 11.13 28.74 -20.26
C LEU A 387 11.31 29.06 -21.73
N SER A 388 12.44 28.61 -22.27
CA SER A 388 12.75 28.74 -23.69
C SER A 388 12.49 27.39 -24.36
N ILE A 389 11.51 27.36 -25.26
CA ILE A 389 11.15 26.16 -26.01
C ILE A 389 11.22 26.52 -27.49
N ASP A 390 12.20 25.96 -28.19
CA ASP A 390 12.43 26.22 -29.61
C ASP A 390 12.60 27.71 -29.90
N GLY A 391 13.22 28.43 -28.97
CA GLY A 391 13.40 29.86 -29.11
C GLY A 391 12.23 30.71 -28.68
N GLY A 392 11.12 30.09 -28.30
CA GLY A 392 9.96 30.81 -27.82
C GLY A 392 9.83 30.73 -26.31
N ILE A 393 9.21 31.75 -25.74
CA ILE A 393 9.02 31.86 -24.30
C ILE A 393 7.68 31.25 -23.93
N ALA A 394 7.67 30.44 -22.87
CA ALA A 394 6.50 29.71 -22.42
C ALA A 394 6.45 29.75 -20.90
N PRO A 395 5.27 29.52 -20.30
CA PRO A 395 5.18 29.45 -18.84
C PRO A 395 6.07 28.35 -18.27
N PHE A 396 6.55 28.59 -17.05
CA PHE A 396 7.41 27.61 -16.38
C PHE A 396 6.58 26.54 -15.68
N ALA A 397 5.72 26.96 -14.75
CA ALA A 397 4.95 26.03 -13.93
C ALA A 397 4.00 25.17 -14.76
N ALA A 398 3.65 25.60 -15.97
CA ALA A 398 2.76 24.81 -16.82
C ALA A 398 3.34 23.45 -17.16
N GLN A 399 4.67 23.31 -17.10
CA GLN A 399 5.33 22.05 -17.44
C GLN A 399 5.03 20.94 -16.45
N LEU A 400 4.37 21.24 -15.33
CA LEU A 400 4.00 20.21 -14.37
C LEU A 400 3.01 19.21 -14.97
N GLY A 401 2.34 19.56 -16.07
CA GLY A 401 1.38 18.66 -16.67
C GLY A 401 1.99 17.37 -17.18
N TRP A 402 3.23 17.44 -17.68
CA TRP A 402 3.90 16.22 -18.12
C TRP A 402 4.11 15.24 -16.97
N ILE A 403 4.20 15.75 -15.74
CA ILE A 403 4.52 14.92 -14.58
C ILE A 403 3.28 14.55 -13.77
N SER A 404 2.12 15.14 -14.07
CA SER A 404 0.97 15.02 -13.19
C SER A 404 0.35 13.61 -13.24
N MET A 405 0.39 12.96 -14.41
CA MET A 405 -0.35 11.71 -14.59
C MET A 405 0.10 10.65 -13.59
N ALA A 406 1.41 10.39 -13.54
CA ALA A 406 1.93 9.34 -12.66
C ALA A 406 1.78 9.72 -11.20
N THR A 407 1.99 10.99 -10.87
CA THR A 407 1.92 11.42 -9.48
C THR A 407 0.48 11.40 -8.97
N TYR A 408 -0.44 11.98 -9.75
CA TYR A 408 -1.84 12.03 -9.32
C TYR A 408 -2.49 10.66 -9.38
N GLY A 409 -2.33 9.96 -10.51
CA GLY A 409 -2.88 8.63 -10.64
C GLY A 409 -2.19 7.59 -9.79
N GLY A 410 -0.97 7.88 -9.32
CA GLY A 410 -0.22 6.96 -8.51
C GLY A 410 0.59 5.93 -9.29
N MET A 411 0.54 5.96 -10.61
CA MET A 411 1.23 4.94 -11.40
C MET A 411 2.73 5.09 -11.27
N PRO A 412 3.48 4.00 -11.47
CA PRO A 412 4.94 4.13 -11.57
C PRO A 412 5.33 4.75 -12.91
N ALA A 413 6.47 5.43 -12.91
CA ALA A 413 6.93 6.11 -14.11
C ALA A 413 8.45 6.06 -14.18
N LEU A 414 8.97 5.50 -15.25
CA LEU A 414 10.42 5.42 -15.45
C LEU A 414 10.90 6.61 -16.28
N SER A 415 12.08 7.12 -15.95
CA SER A 415 12.75 8.16 -16.71
C SER A 415 14.08 7.59 -17.20
N MET A 416 14.16 7.29 -18.49
CA MET A 416 15.33 6.63 -19.06
C MET A 416 15.96 7.48 -20.16
N PRO A 417 17.28 7.39 -20.32
CA PRO A 417 17.95 8.22 -21.33
C PRO A 417 17.54 7.84 -22.75
N LEU A 418 17.23 8.86 -23.55
CA LEU A 418 16.99 8.72 -24.98
C LEU A 418 18.15 9.21 -25.82
N GLY A 419 18.60 10.44 -25.59
CA GLY A 419 19.68 11.04 -26.34
C GLY A 419 19.97 12.44 -25.85
N ALA A 420 20.35 13.34 -26.75
CA ALA A 420 20.61 14.72 -26.38
C ALA A 420 20.11 15.65 -27.47
N ASP A 421 19.78 16.88 -27.09
CA ASP A 421 19.33 17.84 -28.08
C ASP A 421 20.53 18.46 -28.79
N GLY A 422 20.26 19.46 -29.63
CA GLY A 422 21.31 20.06 -30.43
C GLY A 422 22.43 20.67 -29.60
N ASN A 423 22.13 21.09 -28.38
CA ASN A 423 23.13 21.68 -27.49
C ASN A 423 23.77 20.67 -26.56
N GLY A 424 23.57 19.37 -26.80
CA GLY A 424 24.18 18.34 -25.98
C GLY A 424 23.50 18.09 -24.65
N LEU A 425 22.30 18.61 -24.46
CA LEU A 425 21.59 18.43 -23.20
C LEU A 425 20.71 17.19 -23.28
N PRO A 426 20.78 16.30 -22.28
CA PRO A 426 20.13 15.00 -22.39
C PRO A 426 18.61 15.11 -22.50
N ILE A 427 18.03 14.23 -23.31
CA ILE A 427 16.59 14.05 -23.42
C ILE A 427 16.25 12.66 -22.93
N ASN A 428 15.26 12.57 -22.05
CA ASN A 428 14.85 11.30 -21.47
C ASN A 428 13.41 10.98 -21.86
N LEU A 429 13.06 9.72 -21.73
CA LEU A 429 11.71 9.22 -22.00
C LEU A 429 11.01 8.89 -20.69
N GLN A 430 9.71 9.20 -20.64
CA GLN A 430 8.88 8.83 -19.50
C GLN A 430 8.01 7.64 -19.90
N ILE A 431 8.14 6.55 -19.16
CA ILE A 431 7.38 5.33 -19.41
C ILE A 431 6.47 5.11 -18.20
N ILE A 432 5.17 5.29 -18.42
CA ILE A 432 4.18 5.13 -17.37
C ILE A 432 3.47 3.80 -17.58
N THR A 433 3.49 2.94 -16.57
CA THR A 433 2.77 1.67 -16.59
C THR A 433 1.73 1.68 -15.47
N ARG A 434 0.88 0.65 -15.47
CA ARG A 434 -0.20 0.58 -14.50
C ARG A 434 0.35 0.43 -13.09
N ASN A 435 -0.52 0.72 -12.11
CA ASN A 435 -0.13 0.68 -10.71
C ASN A 435 0.42 -0.69 -10.34
N TRP A 436 1.44 -0.69 -9.47
CA TRP A 436 2.08 -1.88 -8.93
C TRP A 436 2.84 -2.69 -9.97
N SER A 437 2.93 -2.21 -11.21
CA SER A 437 3.73 -2.83 -12.26
C SER A 437 5.07 -2.12 -12.42
N ASP A 438 5.71 -1.77 -11.29
CA ASP A 438 6.98 -1.05 -11.34
C ASP A 438 8.04 -1.81 -12.09
N HIS A 439 8.02 -3.15 -12.02
CA HIS A 439 9.02 -3.94 -12.72
C HIS A 439 8.76 -3.99 -14.23
N ASP A 440 7.51 -3.78 -14.64
CA ASP A 440 7.22 -3.67 -16.07
C ASP A 440 7.87 -2.42 -16.64
N ALA A 441 7.74 -1.30 -15.95
CA ALA A 441 8.34 -0.04 -16.40
C ALA A 441 9.84 -0.17 -16.57
N ILE A 442 10.50 -0.81 -15.59
CA ILE A 442 11.94 -1.03 -15.69
C ILE A 442 12.26 -1.93 -16.87
N ARG A 443 11.54 -3.05 -16.99
CA ARG A 443 11.79 -4.00 -18.07
C ARG A 443 11.53 -3.38 -19.43
N ILE A 444 10.43 -2.64 -19.56
CA ILE A 444 10.15 -1.93 -20.81
C ILE A 444 11.28 -0.96 -21.14
N GLY A 445 11.75 -0.22 -20.13
CA GLY A 445 12.87 0.68 -20.35
C GLY A 445 14.14 -0.04 -20.76
N ALA A 446 14.36 -1.23 -20.21
CA ALA A 446 15.51 -2.03 -20.61
C ALA A 446 15.39 -2.46 -22.07
N LEU A 447 14.20 -2.90 -22.47
CA LEU A 447 14.00 -3.33 -23.86
C LEU A 447 14.02 -2.16 -24.82
N VAL A 448 13.60 -0.97 -24.38
CA VAL A 448 13.63 0.20 -25.25
C VAL A 448 15.07 0.62 -25.53
N ALA A 449 15.94 0.53 -24.52
CA ALA A 449 17.34 0.90 -24.72
C ALA A 449 18.01 -0.04 -25.72
N GLU A 450 17.71 -1.34 -25.64
CA GLU A 450 18.27 -2.28 -26.59
C GLU A 450 17.74 -2.03 -28.00
N ALA A 451 16.45 -1.71 -28.12
CA ALA A 451 15.88 -1.43 -29.42
C ALA A 451 16.51 -0.18 -30.04
N LEU A 452 16.80 0.82 -29.22
CA LEU A 452 17.49 2.01 -29.71
C LEU A 452 18.92 1.68 -30.12
N ASP A 453 19.52 0.66 -29.49
CA ASP A 453 20.85 0.21 -29.91
C ASP A 453 20.81 -0.37 -31.32
N ARG A 454 19.69 -0.98 -31.70
CA ARG A 454 19.52 -1.52 -33.05
C ARG A 454 19.04 -0.43 -34.00
N GLU B 18 -19.53 -29.74 6.84
CA GLU B 18 -19.78 -29.25 5.49
C GLU B 18 -18.47 -29.08 4.73
N LEU B 19 -18.54 -29.20 3.40
CA LEU B 19 -17.35 -28.99 2.58
C LEU B 19 -16.90 -27.54 2.66
N SER B 20 -15.59 -27.35 2.75
CA SER B 20 -15.03 -25.99 2.76
C SER B 20 -14.97 -25.48 1.33
N ALA B 21 -14.30 -24.33 1.12
CA ALA B 21 -14.21 -23.75 -0.20
C ALA B 21 -13.29 -24.55 -1.10
N ILE B 22 -12.10 -24.89 -0.61
CA ILE B 22 -11.16 -25.69 -1.40
C ILE B 22 -11.71 -27.09 -1.62
N GLU B 23 -12.31 -27.67 -0.58
CA GLU B 23 -12.93 -29.00 -0.70
C GLU B 23 -14.03 -29.00 -1.74
N THR B 24 -14.85 -27.93 -1.77
CA THR B 24 -15.92 -27.84 -2.75
C THR B 24 -15.36 -27.80 -4.17
N ALA B 25 -14.29 -27.01 -4.37
CA ALA B 25 -13.67 -26.96 -5.69
C ALA B 25 -13.08 -28.31 -6.08
N ALA B 26 -12.47 -29.02 -5.12
CA ALA B 26 -11.89 -30.32 -5.43
C ALA B 26 -12.98 -31.36 -5.69
N ALA B 27 -14.09 -31.29 -4.96
CA ALA B 27 -15.18 -32.26 -5.14
C ALA B 27 -15.84 -32.09 -6.50
N ILE B 28 -16.09 -30.85 -6.92
CA ILE B 28 -16.67 -30.61 -8.23
C ILE B 28 -15.72 -31.06 -9.33
N ALA B 29 -14.44 -30.70 -9.20
CA ALA B 29 -13.47 -31.09 -10.21
C ALA B 29 -13.31 -32.61 -10.28
N GLY B 30 -13.46 -33.29 -9.14
CA GLY B 30 -13.33 -34.73 -9.07
C GLY B 30 -14.57 -35.52 -9.39
N GLY B 31 -15.65 -34.87 -9.81
CA GLY B 31 -16.85 -35.59 -10.21
C GLY B 31 -17.81 -35.94 -9.09
N SER B 32 -17.53 -35.53 -7.86
CA SER B 32 -18.47 -35.77 -6.78
C SER B 32 -19.79 -35.04 -6.99
N MET B 33 -19.77 -33.95 -7.75
CA MET B 33 -20.93 -33.13 -8.03
C MET B 33 -20.56 -32.16 -9.12
N THR B 34 -21.58 -31.63 -9.80
CA THR B 34 -21.36 -30.58 -10.78
C THR B 34 -21.49 -29.22 -10.12
N ALA B 35 -21.00 -28.19 -10.82
CA ALA B 35 -21.11 -26.84 -10.30
C ALA B 35 -22.56 -26.43 -10.10
N LEU B 36 -23.44 -26.90 -10.99
CA LEU B 36 -24.88 -26.66 -10.81
C LEU B 36 -25.41 -27.46 -9.63
N GLU B 37 -24.98 -28.71 -9.48
CA GLU B 37 -25.41 -29.50 -8.32
C GLU B 37 -24.89 -28.88 -7.02
N ALA B 38 -23.63 -28.46 -7.00
CA ALA B 38 -23.11 -27.79 -5.82
C ALA B 38 -23.83 -26.47 -5.56
N CYS B 39 -24.26 -25.79 -6.62
CA CYS B 39 -25.04 -24.56 -6.45
C CYS B 39 -26.42 -24.88 -5.89
N ASP B 40 -27.08 -25.90 -6.43
CA ASP B 40 -28.41 -26.27 -5.94
C ASP B 40 -28.34 -26.76 -4.50
N ALA B 41 -27.28 -27.48 -4.14
CA ALA B 41 -27.16 -28.00 -2.78
C ALA B 41 -27.03 -26.86 -1.76
N ALA B 42 -26.31 -25.79 -2.12
CA ALA B 42 -26.18 -24.67 -1.21
C ALA B 42 -27.49 -23.89 -1.11
N ILE B 43 -28.20 -23.74 -2.23
CA ILE B 43 -29.51 -23.08 -2.21
C ILE B 43 -30.46 -23.84 -1.29
N ALA B 44 -30.38 -25.16 -1.30
CA ALA B 44 -31.22 -25.97 -0.41
C ALA B 44 -30.84 -25.76 1.05
N ARG B 45 -29.54 -25.77 1.36
CA ARG B 45 -29.10 -25.54 2.73
C ARG B 45 -29.56 -24.17 3.23
N ILE B 46 -29.59 -23.17 2.36
CA ILE B 46 -30.05 -21.84 2.77
C ILE B 46 -31.55 -21.87 3.07
N GLU B 47 -32.36 -22.35 2.11
CA GLU B 47 -33.80 -22.40 2.30
C GLU B 47 -34.21 -23.34 3.44
N GLN B 48 -33.34 -24.26 3.82
CA GLN B 48 -33.64 -25.16 4.93
C GLN B 48 -33.20 -24.62 6.27
N ARG B 49 -32.20 -23.73 6.30
CA ARG B 49 -31.57 -23.31 7.55
C ARG B 49 -31.68 -21.82 7.84
N ASP B 50 -31.98 -20.98 6.85
CA ASP B 50 -31.97 -19.53 7.07
C ASP B 50 -33.26 -18.99 7.68
N GLY B 51 -34.25 -19.84 7.90
CA GLY B 51 -35.50 -19.42 8.49
C GLY B 51 -35.31 -18.69 9.81
N PRO B 52 -34.82 -19.41 10.83
CA PRO B 52 -34.55 -18.77 12.13
C PRO B 52 -33.26 -17.96 12.17
N ILE B 53 -32.42 -18.02 11.13
CA ILE B 53 -31.14 -17.32 11.13
C ILE B 53 -31.26 -15.96 10.48
N ASN B 54 -31.80 -15.90 9.27
CA ASN B 54 -31.93 -14.67 8.49
C ASN B 54 -30.56 -14.03 8.25
N ALA B 55 -29.71 -14.77 7.56
CA ALA B 55 -28.36 -14.33 7.23
C ALA B 55 -28.21 -13.92 5.77
N VAL B 56 -28.65 -14.78 4.85
CA VAL B 56 -28.57 -14.50 3.42
C VAL B 56 -29.85 -13.76 3.06
N VAL B 57 -29.79 -12.43 3.11
CA VAL B 57 -30.97 -11.60 2.95
C VAL B 57 -31.18 -11.10 1.51
N VAL B 58 -30.13 -11.12 0.68
CA VAL B 58 -30.24 -10.78 -0.74
C VAL B 58 -29.93 -12.04 -1.52
N ARG B 59 -30.85 -12.46 -2.38
CA ARG B 59 -30.75 -13.74 -3.06
C ARG B 59 -30.76 -13.55 -4.56
N ASP B 60 -29.82 -14.21 -5.24
CA ASP B 60 -29.63 -14.13 -6.69
C ASP B 60 -29.56 -15.54 -7.27
N PHE B 61 -30.53 -16.38 -6.89
CA PHE B 61 -30.44 -17.81 -7.19
C PHE B 61 -30.59 -18.08 -8.68
N ASP B 62 -31.40 -17.31 -9.38
CA ASP B 62 -31.60 -17.55 -10.82
C ASP B 62 -30.30 -17.34 -11.59
N ARG B 63 -29.64 -16.21 -11.37
CA ARG B 63 -28.39 -15.94 -12.08
C ARG B 63 -27.24 -16.79 -11.56
N ALA B 64 -27.32 -17.25 -10.31
CA ALA B 64 -26.28 -18.11 -9.77
C ALA B 64 -26.27 -19.46 -10.48
N ARG B 65 -27.46 -20.02 -10.74
CA ARG B 65 -27.54 -21.31 -11.44
C ARG B 65 -27.03 -21.20 -12.86
N ASP B 66 -27.34 -20.10 -13.55
CA ASP B 66 -26.81 -19.89 -14.89
C ASP B 66 -25.30 -19.71 -14.85
N ALA B 67 -24.78 -19.06 -13.82
CA ALA B 67 -23.33 -18.97 -13.65
C ALA B 67 -22.74 -20.33 -13.26
N ALA B 68 -23.50 -21.14 -12.53
CA ALA B 68 -23.05 -22.48 -12.20
C ALA B 68 -23.00 -23.37 -13.42
N LYS B 69 -23.99 -23.26 -14.32
CA LYS B 69 -23.96 -24.01 -15.56
C LYS B 69 -22.81 -23.56 -16.44
N ALA B 70 -22.48 -22.27 -16.41
CA ALA B 70 -21.33 -21.78 -17.17
C ALA B 70 -20.03 -22.34 -16.62
N ALA B 71 -19.93 -22.47 -15.30
CA ALA B 71 -18.74 -23.09 -14.71
C ALA B 71 -18.62 -24.56 -15.11
N ASP B 72 -19.74 -25.27 -15.16
CA ASP B 72 -19.72 -26.66 -15.61
C ASP B 72 -19.22 -26.78 -17.04
N ALA B 73 -19.56 -25.80 -17.89
CA ALA B 73 -19.05 -25.81 -19.25
C ALA B 73 -17.54 -25.58 -19.29
N GLU B 74 -17.02 -24.77 -18.37
CA GLU B 74 -15.58 -24.55 -18.32
C GLU B 74 -14.87 -25.78 -17.76
N ILE B 75 -15.49 -26.46 -16.79
CA ILE B 75 -14.93 -27.71 -16.28
C ILE B 75 -14.84 -28.75 -17.39
N ALA B 76 -15.94 -28.92 -18.15
CA ALA B 76 -15.93 -29.84 -19.27
C ALA B 76 -14.96 -29.37 -20.36
N ALA B 77 -14.66 -28.08 -20.41
CA ALA B 77 -13.68 -27.55 -21.35
C ALA B 77 -12.26 -27.62 -20.83
N ALA B 78 -12.04 -28.29 -19.69
CA ALA B 78 -10.75 -28.53 -19.04
C ALA B 78 -10.13 -27.30 -18.41
N VAL B 79 -10.87 -26.19 -18.29
CA VAL B 79 -10.35 -25.03 -17.58
C VAL B 79 -10.35 -25.31 -16.08
N ARG B 80 -9.27 -24.93 -15.40
CA ARG B 80 -9.13 -25.15 -13.97
C ARG B 80 -8.78 -23.85 -13.27
N LYS B 81 -9.57 -23.49 -12.27
CA LYS B 81 -9.39 -22.30 -11.45
C LYS B 81 -9.60 -22.70 -10.00
N PRO B 82 -8.95 -22.00 -9.05
CA PRO B 82 -8.96 -22.47 -7.66
C PRO B 82 -10.33 -22.48 -6.99
N LEU B 83 -11.31 -21.75 -7.52
CA LEU B 83 -12.64 -21.68 -6.91
C LEU B 83 -13.73 -22.01 -7.92
N LEU B 84 -13.40 -22.81 -8.92
CA LEU B 84 -14.33 -23.06 -10.02
C LEU B 84 -15.61 -23.74 -9.53
N GLY B 85 -16.74 -23.07 -9.72
CA GLY B 85 -18.03 -23.61 -9.35
C GLY B 85 -18.38 -23.53 -7.88
N VAL B 86 -17.54 -22.89 -7.07
CA VAL B 86 -17.78 -22.80 -5.63
C VAL B 86 -18.84 -21.75 -5.34
N PRO B 87 -19.97 -22.12 -4.74
CA PRO B 87 -20.98 -21.13 -4.38
C PRO B 87 -20.65 -20.43 -3.06
N MET B 88 -20.92 -19.14 -3.01
CA MET B 88 -20.60 -18.34 -1.83
C MET B 88 -21.50 -17.12 -1.79
N THR B 89 -21.38 -16.34 -0.72
CA THR B 89 -22.02 -15.06 -0.58
C THR B 89 -20.98 -14.03 -0.16
N ILE B 90 -21.37 -12.76 -0.18
CA ILE B 90 -20.49 -11.68 0.25
C ILE B 90 -21.33 -10.68 1.05
N LYS B 91 -20.64 -9.92 1.90
CA LYS B 91 -21.30 -8.89 2.69
C LYS B 91 -22.08 -7.94 1.77
N GLU B 92 -23.27 -7.55 2.24
CA GLU B 92 -24.16 -6.75 1.41
C GLU B 92 -23.55 -5.41 0.98
N SER B 93 -22.55 -4.92 1.72
CA SER B 93 -21.97 -3.62 1.38
C SER B 93 -21.07 -3.69 0.16
N PHE B 94 -20.65 -4.88 -0.24
CA PHE B 94 -19.89 -5.04 -1.48
C PHE B 94 -20.82 -4.98 -2.69
N ASP B 95 -20.36 -4.34 -3.75
CA ASP B 95 -21.16 -4.21 -4.97
C ASP B 95 -21.08 -5.47 -5.81
N ILE B 96 -22.24 -5.99 -6.20
CA ILE B 96 -22.36 -7.02 -7.22
C ILE B 96 -23.27 -6.47 -8.30
N ALA B 97 -22.85 -6.61 -9.56
CA ALA B 97 -23.60 -6.04 -10.67
C ALA B 97 -25.01 -6.62 -10.72
N GLY B 98 -26.01 -5.75 -10.57
CA GLY B 98 -27.40 -6.15 -10.66
C GLY B 98 -28.09 -6.35 -9.33
N LEU B 99 -27.36 -6.32 -8.22
CA LEU B 99 -27.92 -6.53 -6.90
C LEU B 99 -27.92 -5.23 -6.09
N PRO B 100 -28.84 -5.08 -5.16
CA PRO B 100 -28.89 -3.84 -4.36
C PRO B 100 -27.71 -3.73 -3.41
N THR B 101 -27.34 -2.49 -3.11
CA THR B 101 -26.33 -2.17 -2.09
C THR B 101 -26.88 -1.03 -1.27
N SER B 102 -27.33 -1.33 -0.04
CA SER B 102 -28.05 -0.36 0.78
C SER B 102 -27.35 -0.01 2.09
N TRP B 103 -26.48 -0.87 2.60
CA TRP B 103 -25.87 -0.70 3.92
C TRP B 103 -26.91 -0.61 5.01
N GLY B 104 -28.09 -1.19 4.78
CA GLY B 104 -29.14 -1.23 5.77
C GLY B 104 -30.05 -0.02 5.79
N PHE B 105 -29.83 0.96 4.92
CA PHE B 105 -30.67 2.14 4.88
C PHE B 105 -31.92 1.87 4.05
N ALA B 106 -33.04 2.45 4.50
CA ALA B 106 -34.27 2.35 3.73
C ALA B 106 -34.18 3.17 2.45
N GLU B 107 -33.57 4.36 2.53
CA GLU B 107 -33.45 5.23 1.36
C GLU B 107 -32.69 4.56 0.23
N HIS B 108 -31.71 3.72 0.55
CA HIS B 108 -30.83 3.10 -0.42
C HIS B 108 -31.21 1.65 -0.72
N ALA B 109 -32.42 1.24 -0.34
CA ALA B 109 -32.83 -0.15 -0.53
C ALA B 109 -32.86 -0.54 -2.01
N ASP B 110 -33.19 0.41 -2.89
CA ASP B 110 -33.30 0.15 -4.31
C ASP B 110 -32.14 0.75 -5.11
N HIS B 111 -30.96 0.86 -4.49
CA HIS B 111 -29.76 1.29 -5.20
C HIS B 111 -29.10 0.05 -5.82
N ILE B 112 -29.18 -0.06 -7.14
CA ILE B 112 -28.67 -1.21 -7.86
C ILE B 112 -27.27 -0.88 -8.38
N ALA B 113 -26.32 -1.77 -8.11
CA ALA B 113 -24.96 -1.58 -8.60
C ALA B 113 -24.88 -1.99 -10.06
N THR B 114 -24.08 -1.25 -10.83
CA THR B 114 -23.91 -1.55 -12.26
C THR B 114 -22.68 -2.39 -12.56
N ALA B 115 -21.74 -2.48 -11.62
CA ALA B 115 -20.51 -3.22 -11.83
C ALA B 115 -20.09 -3.88 -10.54
N ASP B 116 -19.44 -5.04 -10.68
CA ASP B 116 -18.93 -5.76 -9.52
C ASP B 116 -17.87 -4.94 -8.79
N SER B 117 -17.81 -5.13 -7.48
CA SER B 117 -16.68 -4.63 -6.72
C SER B 117 -15.42 -5.39 -7.13
N LEU B 118 -14.26 -4.84 -6.74
CA LEU B 118 -13.00 -5.47 -7.12
C LEU B 118 -12.86 -6.84 -6.49
N VAL B 119 -13.24 -6.98 -5.22
CA VAL B 119 -13.14 -8.27 -4.54
C VAL B 119 -14.06 -9.29 -5.21
N VAL B 120 -15.27 -8.87 -5.55
CA VAL B 120 -16.18 -9.76 -6.27
C VAL B 120 -15.62 -10.12 -7.63
N SER B 121 -15.06 -9.14 -8.34
CA SER B 121 -14.50 -9.39 -9.67
C SER B 121 -13.35 -10.38 -9.61
N ARG B 122 -12.48 -10.26 -8.61
CA ARG B 122 -11.37 -11.19 -8.45
C ARG B 122 -11.88 -12.59 -8.13
N LEU B 123 -12.80 -12.68 -7.16
CA LEU B 123 -13.32 -13.99 -6.76
C LEU B 123 -14.07 -14.65 -7.90
N LYS B 124 -14.82 -13.87 -8.69
CA LYS B 124 -15.50 -14.43 -9.85
C LYS B 124 -14.49 -14.94 -10.88
N ALA B 125 -13.41 -14.18 -11.10
CA ALA B 125 -12.39 -14.59 -12.06
C ALA B 125 -11.72 -15.90 -11.64
N ALA B 126 -11.66 -16.17 -10.33
CA ALA B 126 -11.18 -17.45 -9.84
C ALA B 126 -12.22 -18.56 -9.96
N GLY B 127 -13.40 -18.27 -10.49
CA GLY B 127 -14.43 -19.26 -10.70
C GLY B 127 -15.53 -19.32 -9.67
N ALA B 128 -15.55 -18.40 -8.70
CA ALA B 128 -16.55 -18.45 -7.65
C ALA B 128 -17.92 -18.07 -8.20
N VAL B 129 -18.95 -18.73 -7.67
CA VAL B 129 -20.34 -18.45 -8.02
C VAL B 129 -21.00 -17.78 -6.82
N PHE B 130 -21.61 -16.63 -7.05
CA PHE B 130 -22.18 -15.83 -5.97
C PHE B 130 -23.70 -16.04 -5.91
N LEU B 131 -24.16 -16.62 -4.79
CA LEU B 131 -25.57 -16.90 -4.59
C LEU B 131 -26.35 -15.69 -4.10
N GLY B 132 -25.68 -14.75 -3.43
CA GLY B 132 -26.36 -13.59 -2.90
C GLY B 132 -25.46 -12.86 -1.89
N LYS B 133 -26.10 -12.08 -1.03
CA LYS B 133 -25.40 -11.25 -0.08
C LYS B 133 -25.99 -11.41 1.31
N SER B 134 -25.18 -11.10 2.32
CA SER B 134 -25.49 -11.38 3.71
C SER B 134 -25.81 -10.09 4.47
N ASN B 135 -26.49 -10.26 5.60
CA ASN B 135 -27.11 -9.16 6.32
C ASN B 135 -26.08 -8.30 7.05
N ILE B 136 -26.48 -7.07 7.36
CA ILE B 136 -25.61 -6.04 7.91
C ILE B 136 -26.44 -5.13 8.80
N PRO B 137 -25.82 -4.37 9.71
CA PRO B 137 -26.54 -3.31 10.42
C PRO B 137 -26.65 -2.05 9.57
N VAL B 138 -27.44 -1.10 10.07
CA VAL B 138 -27.65 0.15 9.36
C VAL B 138 -26.34 0.95 9.39
N GLY B 139 -25.83 1.27 8.19
CA GLY B 139 -24.59 2.02 8.10
C GLY B 139 -23.37 1.27 8.56
N LEU B 140 -23.47 -0.05 8.74
CA LEU B 140 -22.35 -0.87 9.20
C LEU B 140 -21.79 -0.34 10.53
N ALA B 141 -22.67 0.11 11.42
CA ALA B 141 -22.28 0.87 12.60
C ALA B 141 -22.78 0.22 13.88
N ASP B 142 -22.65 -1.10 14.00
CA ASP B 142 -23.03 -1.77 15.23
C ASP B 142 -22.41 -3.15 15.27
N TRP B 143 -22.31 -3.69 16.49
CA TRP B 143 -21.91 -5.07 16.71
C TRP B 143 -23.09 -6.03 16.66
N GLN B 144 -24.10 -5.72 15.85
CA GLN B 144 -25.20 -6.62 15.53
C GLN B 144 -25.47 -6.50 14.04
N SER B 145 -26.35 -7.36 13.53
CA SER B 145 -26.76 -7.32 12.12
C SER B 145 -28.28 -7.25 12.08
N VAL B 146 -28.80 -6.03 11.99
CA VAL B 146 -30.24 -5.78 11.96
C VAL B 146 -30.48 -4.47 11.23
N ASN B 147 -31.51 -4.45 10.37
CA ASN B 147 -31.81 -3.28 9.56
C ASN B 147 -33.26 -3.36 9.11
N PRO B 148 -33.88 -2.23 8.76
CA PRO B 148 -35.28 -2.26 8.34
C PRO B 148 -35.51 -2.91 6.99
N ASN B 149 -34.49 -3.04 6.15
CA ASN B 149 -34.68 -3.61 4.82
C ASN B 149 -34.83 -5.13 4.86
N TYR B 150 -34.13 -5.80 5.76
CA TYR B 150 -34.09 -7.26 5.76
C TYR B 150 -34.44 -7.90 7.11
N GLY B 151 -34.32 -7.18 8.21
CA GLY B 151 -34.57 -7.75 9.51
C GLY B 151 -33.29 -8.03 10.28
N ARG B 152 -33.39 -8.94 11.23
CA ARG B 152 -32.32 -9.24 12.18
C ARG B 152 -31.71 -10.60 11.89
N THR B 153 -30.39 -10.71 12.08
CA THR B 153 -29.70 -11.98 11.98
C THR B 153 -29.46 -12.53 13.38
N ASN B 154 -29.80 -13.80 13.58
CA ASN B 154 -29.71 -14.44 14.89
C ASN B 154 -28.53 -15.40 14.91
N ASN B 155 -27.78 -15.38 16.01
CA ASN B 155 -26.63 -16.25 16.19
C ASN B 155 -27.06 -17.71 16.05
N PRO B 156 -26.44 -18.48 15.15
CA PRO B 156 -26.84 -19.88 14.99
C PRO B 156 -26.59 -20.74 16.21
N HIS B 157 -25.70 -20.33 17.12
CA HIS B 157 -25.48 -21.07 18.35
C HIS B 157 -26.52 -20.75 19.42
N ASP B 158 -27.18 -19.60 19.31
CA ASP B 158 -28.20 -19.18 20.25
C ASP B 158 -28.98 -18.05 19.59
N HIS B 159 -30.23 -18.35 19.22
CA HIS B 159 -31.02 -17.41 18.45
C HIS B 159 -31.31 -16.12 19.21
N SER B 160 -31.17 -16.12 20.53
CA SER B 160 -31.41 -14.92 21.32
C SER B 160 -30.20 -14.00 21.37
N ARG B 161 -29.03 -14.45 20.93
CA ARG B 161 -27.82 -13.66 20.97
C ARG B 161 -27.53 -13.07 19.59
N SER B 162 -26.79 -11.95 19.59
CA SER B 162 -26.45 -11.28 18.35
C SER B 162 -25.49 -12.14 17.52
N ALA B 163 -25.62 -12.04 16.20
CA ALA B 163 -24.80 -12.84 15.30
C ALA B 163 -23.44 -12.23 15.02
N GLY B 164 -23.17 -11.02 15.51
CA GLY B 164 -21.97 -10.30 15.18
C GLY B 164 -22.27 -9.01 14.44
N GLY B 165 -21.25 -8.17 14.34
CA GLY B 165 -21.41 -6.80 13.93
C GLY B 165 -20.84 -6.48 12.55
N SER B 166 -21.61 -5.71 11.78
CA SER B 166 -21.27 -5.34 10.42
C SER B 166 -21.24 -6.57 9.52
N SER B 167 -20.30 -7.48 9.74
CA SER B 167 -20.26 -8.73 8.98
C SER B 167 -20.95 -9.87 9.72
N GLY B 168 -22.07 -9.58 10.37
CA GLY B 168 -22.79 -10.62 11.12
C GLY B 168 -23.48 -11.66 10.27
N GLY B 169 -24.13 -11.24 9.17
CA GLY B 169 -24.75 -12.22 8.30
C GLY B 169 -23.74 -13.15 7.64
N ALA B 170 -22.53 -12.65 7.40
CA ALA B 170 -21.47 -13.50 6.85
C ALA B 170 -21.06 -14.59 7.82
N ALA B 171 -20.86 -14.23 9.10
CA ALA B 171 -20.43 -15.22 10.07
C ALA B 171 -21.53 -16.21 10.41
N ALA B 172 -22.79 -15.76 10.41
CA ALA B 172 -23.90 -16.67 10.66
C ALA B 172 -24.06 -17.69 9.55
N ALA B 173 -23.89 -17.26 8.30
CA ALA B 173 -24.00 -18.19 7.18
C ALA B 173 -22.88 -19.22 7.20
N LEU B 174 -21.70 -18.84 7.70
CA LEU B 174 -20.59 -19.79 7.79
C LEU B 174 -20.80 -20.79 8.91
N ALA B 175 -21.28 -20.32 10.07
CA ALA B 175 -21.47 -21.23 11.21
C ALA B 175 -22.62 -22.21 10.96
N ALA B 176 -23.59 -21.83 10.15
CA ALA B 176 -24.72 -22.70 9.85
C ALA B 176 -24.48 -23.62 8.65
N GLY B 177 -23.29 -23.55 8.04
CA GLY B 177 -22.98 -24.44 6.94
C GLY B 177 -23.70 -24.13 5.65
N MET B 178 -24.19 -22.89 5.48
CA MET B 178 -24.87 -22.51 4.25
C MET B 178 -23.89 -22.37 3.09
N VAL B 179 -22.86 -21.55 3.27
CA VAL B 179 -21.82 -21.35 2.25
C VAL B 179 -20.46 -21.50 2.93
N PRO B 180 -19.45 -21.88 2.17
CA PRO B 180 -18.13 -22.15 2.75
C PRO B 180 -17.17 -20.97 2.80
N LEU B 181 -17.45 -19.88 2.11
CA LEU B 181 -16.54 -18.75 2.06
C LEU B 181 -17.33 -17.44 2.04
N GLU B 182 -16.79 -16.43 2.72
CA GLU B 182 -17.41 -15.12 2.81
C GLU B 182 -16.35 -14.03 2.73
N TYR B 183 -16.80 -12.77 2.81
CA TYR B 183 -15.88 -11.64 2.74
C TYR B 183 -16.56 -10.43 3.37
N GLY B 184 -15.86 -9.76 4.28
CA GLY B 184 -16.42 -8.58 4.93
C GLY B 184 -15.45 -7.42 4.98
N SER B 185 -15.87 -6.33 5.62
CA SER B 185 -15.02 -5.18 5.87
C SER B 185 -14.77 -5.07 7.36
N ASP B 186 -13.93 -4.11 7.77
CA ASP B 186 -13.60 -3.96 9.18
C ASP B 186 -13.03 -2.57 9.43
N ILE B 187 -13.78 -1.74 10.16
CA ILE B 187 -13.26 -0.49 10.67
C ILE B 187 -13.25 -0.43 12.19
N GLY B 188 -14.04 -1.27 12.87
CA GLY B 188 -14.04 -1.32 14.31
C GLY B 188 -14.27 -2.74 14.81
N GLY B 189 -13.67 -3.72 14.14
CA GLY B 189 -13.86 -5.11 14.47
C GLY B 189 -14.91 -5.83 13.65
N ALA B 190 -15.24 -5.32 12.47
CA ALA B 190 -16.37 -5.85 11.71
C ALA B 190 -16.13 -7.25 11.19
N ILE B 191 -14.88 -7.69 11.11
CA ILE B 191 -14.56 -9.05 10.68
C ILE B 191 -14.25 -9.94 11.88
N ARG B 192 -13.54 -9.40 12.87
CA ARG B 192 -13.10 -10.20 14.02
C ARG B 192 -14.27 -10.49 14.96
N VAL B 193 -15.11 -9.51 15.24
CA VAL B 193 -16.20 -9.67 16.22
C VAL B 193 -17.26 -10.67 15.74
N PRO B 194 -17.75 -10.58 14.50
CA PRO B 194 -18.74 -11.60 14.06
C PRO B 194 -18.16 -12.99 14.00
N ALA B 195 -16.91 -13.12 13.52
CA ALA B 195 -16.23 -14.41 13.57
C ALA B 195 -16.09 -14.90 15.01
N HIS B 196 -15.96 -13.97 15.96
CA HIS B 196 -15.87 -14.36 17.37
C HIS B 196 -17.22 -14.80 17.91
N PHE B 197 -18.28 -14.05 17.58
CA PHE B 197 -19.61 -14.36 18.10
C PHE B 197 -20.17 -15.65 17.50
N CYS B 198 -19.74 -16.01 16.29
CA CYS B 198 -20.26 -17.18 15.60
C CYS B 198 -19.26 -18.33 15.52
N GLY B 199 -18.02 -18.13 16.00
CA GLY B 199 -17.05 -19.21 16.03
C GLY B 199 -16.55 -19.65 14.67
N VAL B 200 -16.26 -18.72 13.78
CA VAL B 200 -15.69 -19.04 12.48
C VAL B 200 -14.37 -18.28 12.33
N TRP B 201 -13.77 -18.37 11.14
CA TRP B 201 -12.49 -17.73 10.86
C TRP B 201 -12.72 -16.43 10.11
N GLY B 202 -11.99 -15.39 10.51
CA GLY B 202 -12.05 -14.10 9.86
C GLY B 202 -10.72 -13.39 9.96
N LEU B 203 -10.26 -12.79 8.88
CA LEU B 203 -8.95 -12.15 8.83
C LEU B 203 -9.11 -10.65 8.58
N LYS B 204 -8.84 -9.85 9.61
CA LYS B 204 -8.65 -8.42 9.44
C LYS B 204 -7.27 -8.22 8.82
N THR B 205 -7.22 -7.73 7.59
CA THR B 205 -5.98 -7.71 6.84
C THR B 205 -5.19 -6.43 7.10
N THR B 206 -3.96 -6.41 6.59
CA THR B 206 -3.13 -5.22 6.66
C THR B 206 -3.79 -4.07 5.91
N PHE B 207 -3.73 -2.88 6.49
CA PHE B 207 -4.32 -1.70 5.88
C PHE B 207 -3.70 -1.45 4.51
N ASP B 208 -4.56 -1.16 3.53
CA ASP B 208 -4.21 -0.87 2.15
C ASP B 208 -3.69 -2.08 1.38
N ALA B 209 -3.82 -3.28 1.94
CA ALA B 209 -3.34 -4.47 1.25
C ALA B 209 -4.36 -5.02 0.26
N VAL B 210 -5.64 -4.75 0.46
CA VAL B 210 -6.69 -5.20 -0.44
C VAL B 210 -7.55 -4.00 -0.83
N SER B 211 -7.90 -3.92 -2.11
CA SER B 211 -8.64 -2.77 -2.61
C SER B 211 -10.05 -2.74 -2.05
N LEU B 212 -10.46 -1.57 -1.56
CA LEU B 212 -11.82 -1.34 -1.10
C LEU B 212 -12.76 -0.94 -2.23
N GLU B 213 -12.30 -0.99 -3.47
CA GLU B 213 -13.10 -0.54 -4.61
C GLU B 213 -14.37 -1.37 -4.73
N GLY B 214 -15.49 -0.69 -4.95
CA GLY B 214 -16.79 -1.33 -4.98
C GLY B 214 -17.47 -1.45 -3.64
N HIS B 215 -16.72 -1.41 -2.53
CA HIS B 215 -17.32 -1.27 -1.21
C HIS B 215 -17.77 0.17 -0.99
N TYR B 216 -18.57 0.68 -1.91
CA TYR B 216 -18.97 2.08 -1.89
C TYR B 216 -20.12 2.30 -0.93
N PHE B 217 -20.14 3.50 -0.35
CA PHE B 217 -21.37 3.98 0.25
C PHE B 217 -22.44 4.08 -0.84
N PRO B 218 -23.69 3.72 -0.54
CA PRO B 218 -24.71 3.68 -1.60
C PRO B 218 -24.83 4.99 -2.36
N ARG B 219 -24.87 4.88 -3.69
CA ARG B 219 -25.06 5.97 -4.62
C ARG B 219 -23.85 6.92 -4.70
N THR B 220 -22.70 6.48 -4.22
CA THR B 220 -21.46 7.23 -4.34
C THR B 220 -20.38 6.32 -4.94
N ASP B 221 -19.22 6.92 -5.23
CA ASP B 221 -18.01 6.16 -5.47
C ASP B 221 -16.99 6.38 -4.35
N SER B 222 -17.50 6.61 -3.14
CA SER B 222 -16.67 6.79 -1.96
C SER B 222 -16.50 5.46 -1.26
N ALA B 223 -15.33 4.84 -1.42
CA ALA B 223 -15.01 3.60 -0.73
C ALA B 223 -13.81 3.74 0.18
N LYS B 224 -12.80 4.51 -0.23
CA LYS B 224 -11.61 4.69 0.59
C LYS B 224 -11.96 5.34 1.92
N ALA B 225 -11.29 4.89 2.96
CA ALA B 225 -11.44 5.43 4.31
C ALA B 225 -10.31 4.91 5.18
N ASP B 226 -9.69 5.80 5.95
CA ASP B 226 -8.64 5.37 6.86
C ASP B 226 -9.18 4.33 7.84
N LEU B 227 -8.28 3.46 8.30
CA LEU B 227 -8.55 2.42 9.30
C LEU B 227 -9.29 1.21 8.72
N SER B 228 -10.26 1.44 7.83
CA SER B 228 -11.11 0.34 7.36
C SER B 228 -10.35 -0.56 6.40
N VAL B 229 -10.54 -1.88 6.56
CA VAL B 229 -9.95 -2.89 5.68
C VAL B 229 -11.02 -3.92 5.34
N VAL B 230 -10.74 -4.71 4.30
CA VAL B 230 -11.57 -5.84 3.92
C VAL B 230 -10.72 -7.10 4.00
N GLY B 231 -11.38 -8.22 4.26
CA GLY B 231 -10.70 -9.47 4.45
C GLY B 231 -11.62 -10.67 4.31
N PRO B 232 -11.05 -11.86 4.16
CA PRO B 232 -11.87 -13.05 3.96
C PRO B 232 -12.38 -13.61 5.28
N MET B 233 -13.47 -14.37 5.17
CA MET B 233 -14.09 -15.07 6.28
C MET B 233 -14.46 -16.47 5.81
N ALA B 234 -14.11 -17.49 6.60
CA ALA B 234 -14.27 -18.88 6.19
C ALA B 234 -14.35 -19.76 7.43
N ARG B 235 -14.33 -21.07 7.22
CA ARG B 235 -14.30 -22.05 8.30
C ARG B 235 -12.95 -22.74 8.44
N THR B 236 -12.06 -22.59 7.47
CA THR B 236 -10.72 -23.17 7.52
C THR B 236 -9.69 -22.09 7.22
N PRO B 237 -8.51 -22.17 7.86
CA PRO B 237 -7.46 -21.19 7.56
C PRO B 237 -6.92 -21.31 6.14
N ALA B 238 -6.99 -22.51 5.54
CA ALA B 238 -6.57 -22.67 4.16
C ALA B 238 -7.46 -21.88 3.20
N ASP B 239 -8.75 -21.76 3.50
CA ASP B 239 -9.63 -20.95 2.67
C ASP B 239 -9.32 -19.47 2.80
N LEU B 240 -8.87 -19.03 3.97
CA LEU B 240 -8.50 -17.64 4.16
C LEU B 240 -7.27 -17.29 3.32
N ALA B 241 -6.26 -18.17 3.33
CA ALA B 241 -5.04 -17.90 2.58
C ALA B 241 -5.30 -17.82 1.08
N LEU B 242 -6.08 -18.76 0.56
CA LEU B 242 -6.40 -18.75 -0.87
C LEU B 242 -7.22 -17.53 -1.24
N ALA B 243 -8.23 -17.20 -0.43
CA ALA B 243 -9.04 -16.02 -0.72
C ALA B 243 -8.21 -14.73 -0.63
N LEU B 244 -7.20 -14.72 0.25
CA LEU B 244 -6.34 -13.55 0.36
C LEU B 244 -5.47 -13.40 -0.88
N ASP B 245 -4.90 -14.52 -1.37
CA ASP B 245 -4.08 -14.47 -2.57
C ASP B 245 -4.88 -14.04 -3.79
N ILE B 246 -6.19 -14.33 -3.81
CA ILE B 246 -7.02 -14.00 -4.96
C ILE B 246 -7.35 -12.51 -5.00
N THR B 247 -7.51 -11.88 -3.83
CA THR B 247 -8.09 -10.55 -3.75
C THR B 247 -7.10 -9.44 -3.44
N SER B 248 -5.90 -9.75 -2.95
CA SER B 248 -4.95 -8.70 -2.60
C SER B 248 -4.49 -7.95 -3.84
N LYS B 249 -4.15 -6.66 -3.64
CA LYS B 249 -3.67 -5.83 -4.78
C LYS B 249 -2.45 -6.49 -5.41
N VAL B 250 -1.49 -6.90 -4.58
CA VAL B 250 -0.24 -7.55 -5.07
C VAL B 250 -0.05 -8.82 -4.23
N PRO B 251 0.56 -9.91 -4.73
CA PRO B 251 0.65 -11.09 -3.89
C PRO B 251 1.48 -10.75 -2.66
N LEU B 252 0.95 -11.09 -1.49
CA LEU B 252 1.65 -10.83 -0.21
C LEU B 252 2.71 -11.90 0.05
N PRO B 253 3.78 -11.60 0.81
CA PRO B 253 4.76 -12.64 1.14
C PRO B 253 4.14 -13.85 1.82
N GLN B 254 4.46 -15.05 1.35
CA GLN B 254 3.98 -16.26 2.00
C GLN B 254 4.72 -16.50 3.31
N SER B 255 4.10 -17.29 4.18
CA SER B 255 4.66 -17.59 5.49
C SER B 255 5.72 -18.68 5.39
N ARG B 256 6.83 -18.49 6.10
CA ARG B 256 7.88 -19.48 6.21
C ARG B 256 7.85 -20.20 7.56
N ILE B 257 6.83 -19.96 8.36
CA ILE B 257 6.71 -20.59 9.67
C ILE B 257 6.17 -22.00 9.49
N ALA B 258 6.99 -23.00 9.83
CA ALA B 258 6.62 -24.40 9.68
C ALA B 258 6.01 -25.01 10.93
N ASN B 259 6.31 -24.47 12.11
CA ASN B 259 5.72 -24.93 13.37
C ASN B 259 5.85 -23.82 14.39
N LEU B 260 5.42 -24.11 15.62
CA LEU B 260 5.39 -23.13 16.70
C LEU B 260 6.66 -23.08 17.52
N SER B 261 7.61 -23.99 17.30
CA SER B 261 8.83 -24.02 18.09
C SER B 261 9.66 -22.76 17.84
N GLY B 262 9.94 -22.02 18.91
CA GLY B 262 10.70 -20.79 18.82
C GLY B 262 9.88 -19.54 18.62
N LEU B 263 8.57 -19.66 18.43
CA LEU B 263 7.73 -18.50 18.21
C LEU B 263 7.70 -17.62 19.45
N ARG B 264 7.76 -16.30 19.23
CA ARG B 264 7.77 -15.32 20.31
C ARG B 264 6.37 -14.71 20.42
N ILE B 265 5.64 -15.12 21.45
CA ILE B 265 4.23 -14.77 21.62
C ILE B 265 4.11 -13.78 22.78
N LEU B 266 3.37 -12.70 22.56
CA LEU B 266 3.04 -11.74 23.61
C LEU B 266 1.58 -11.95 24.01
N LEU B 267 1.39 -12.49 25.22
CA LEU B 267 0.07 -12.86 25.71
C LEU B 267 -0.52 -11.70 26.51
N LEU B 268 -1.61 -11.13 26.01
CA LEU B 268 -2.30 -10.02 26.67
C LEU B 268 -3.71 -10.47 27.02
N THR B 269 -4.07 -10.37 28.31
CA THR B 269 -5.41 -10.68 28.77
C THR B 269 -6.02 -9.52 29.56
N ALA B 270 -5.34 -8.39 29.65
CA ALA B 270 -5.86 -7.21 30.31
C ALA B 270 -5.67 -6.01 29.40
N HIS B 271 -6.51 -4.99 29.63
CA HIS B 271 -6.45 -3.73 28.91
C HIS B 271 -6.70 -2.61 29.89
N PRO B 272 -5.95 -1.52 29.82
CA PRO B 272 -6.12 -0.44 30.81
C PRO B 272 -7.47 0.25 30.74
N GLU B 273 -8.28 0.02 29.69
CA GLU B 273 -9.53 0.73 29.53
C GLU B 273 -10.74 -0.17 29.31
N THR B 274 -10.59 -1.49 29.40
CA THR B 274 -11.73 -2.40 29.30
C THR B 274 -11.39 -3.67 30.09
N VAL B 275 -12.14 -4.74 29.85
CA VAL B 275 -12.04 -5.94 30.68
C VAL B 275 -12.64 -7.10 29.90
N ALA B 276 -12.15 -8.31 30.19
CA ALA B 276 -12.67 -9.55 29.62
C ALA B 276 -13.11 -10.48 30.75
N ASP B 277 -14.10 -11.32 30.47
CA ASP B 277 -14.64 -12.19 31.50
C ASP B 277 -13.74 -13.41 31.71
N SER B 278 -14.15 -14.27 32.64
CA SER B 278 -13.29 -15.38 33.06
C SER B 278 -13.04 -16.36 31.94
N ALA B 279 -14.12 -16.85 31.30
CA ALA B 279 -13.97 -17.87 30.27
C ALA B 279 -13.11 -17.38 29.11
N THR B 280 -13.20 -16.10 28.78
CA THR B 280 -12.36 -15.55 27.72
C THR B 280 -10.89 -15.49 28.16
N ILE B 281 -10.63 -15.09 29.40
CA ILE B 281 -9.26 -14.95 29.87
C ILE B 281 -8.56 -16.32 29.88
N SER B 282 -9.24 -17.33 30.39
CA SER B 282 -8.67 -18.68 30.46
C SER B 282 -8.62 -19.36 29.10
N ALA B 283 -9.47 -18.96 28.15
CA ALA B 283 -9.39 -19.51 26.80
C ALA B 283 -8.18 -18.98 26.06
N VAL B 284 -7.88 -17.69 26.21
CA VAL B 284 -6.69 -17.11 25.59
C VAL B 284 -5.43 -17.71 26.21
N GLU B 285 -5.43 -17.88 27.53
CA GLU B 285 -4.28 -18.50 28.19
C GLU B 285 -4.11 -19.95 27.76
N ARG B 286 -5.21 -20.64 27.48
CA ARG B 286 -5.11 -22.03 27.04
C ARG B 286 -4.45 -22.12 25.67
N ALA B 287 -4.77 -21.20 24.78
CA ALA B 287 -4.12 -21.17 23.47
C ALA B 287 -2.63 -20.86 23.62
N ALA B 288 -2.29 -19.94 24.53
CA ALA B 288 -0.89 -19.59 24.72
C ALA B 288 -0.11 -20.76 25.31
N ALA B 289 -0.69 -21.44 26.31
CA ALA B 289 0.00 -22.54 26.95
C ALA B 289 0.22 -23.72 26.00
N ALA B 290 -0.71 -23.93 25.07
CA ALA B 290 -0.57 -25.03 24.12
C ALA B 290 0.53 -24.76 23.10
N CYS B 291 0.74 -23.49 22.74
CA CYS B 291 1.90 -23.14 21.92
C CYS B 291 3.19 -23.28 22.71
N GLU B 292 3.15 -22.93 24.00
CA GLU B 292 4.32 -23.09 24.85
C GLU B 292 4.71 -24.56 24.96
N ALA B 293 3.74 -25.47 24.93
CA ALA B 293 4.03 -26.89 24.92
C ALA B 293 4.59 -27.34 23.57
N SER B 294 4.35 -26.57 22.51
CA SER B 294 4.84 -26.89 21.18
C SER B 294 6.19 -26.27 20.86
N GLY B 295 6.83 -25.63 21.84
CA GLY B 295 8.14 -25.04 21.64
C GLY B 295 8.17 -23.53 21.59
N ALA B 296 7.02 -22.86 21.69
CA ALA B 296 6.99 -21.41 21.67
C ALA B 296 7.27 -20.84 23.05
N THR B 297 7.79 -19.61 23.07
CA THR B 297 8.03 -18.88 24.30
C THR B 297 6.98 -17.77 24.43
N VAL B 298 6.43 -17.62 25.63
CA VAL B 298 5.31 -16.72 25.87
C VAL B 298 5.71 -15.71 26.93
N ALA B 299 5.44 -14.44 26.66
CA ALA B 299 5.62 -13.36 27.62
C ALA B 299 4.27 -12.72 27.92
N THR B 300 4.18 -12.08 29.09
CA THR B 300 2.96 -11.40 29.53
C THR B 300 3.13 -9.90 29.64
N SER B 301 4.28 -9.36 29.25
CA SER B 301 4.54 -7.92 29.30
C SER B 301 5.76 -7.63 28.44
N SER B 302 5.94 -6.35 28.12
CA SER B 302 7.06 -5.90 27.31
C SER B 302 7.23 -4.39 27.45
N PRO B 303 8.46 -3.90 27.65
CA PRO B 303 8.66 -2.43 27.67
C PRO B 303 8.36 -1.78 26.33
N ASP B 304 8.41 -2.53 25.23
CA ASP B 304 8.10 -2.01 23.91
C ASP B 304 6.62 -2.10 23.57
N LEU B 305 5.76 -2.26 24.57
CA LEU B 305 4.32 -2.25 24.34
C LEU B 305 3.82 -0.83 24.40
N PRO B 306 3.20 -0.32 23.33
CA PRO B 306 2.72 1.08 23.35
C PRO B 306 1.63 1.28 24.40
N ASP B 307 1.45 2.54 24.77
CA ASP B 307 0.42 2.92 25.73
C ASP B 307 -0.95 2.63 25.14
N LEU B 308 -1.59 1.55 25.62
CA LEU B 308 -2.89 1.18 25.08
C LEU B 308 -3.98 2.17 25.47
N SER B 309 -3.80 2.87 26.60
CA SER B 309 -4.75 3.92 26.96
C SER B 309 -4.72 5.05 25.96
N ALA B 310 -3.52 5.53 25.62
CA ALA B 310 -3.40 6.59 24.62
C ALA B 310 -3.82 6.10 23.25
N LEU B 311 -3.56 4.83 22.94
CA LEU B 311 -3.90 4.30 21.62
C LEU B 311 -5.40 4.30 21.40
N VAL B 312 -6.17 3.77 22.35
CA VAL B 312 -7.62 3.69 22.17
C VAL B 312 -8.23 5.08 22.18
N ALA B 313 -7.58 6.05 22.83
CA ALA B 313 -8.07 7.42 22.78
C ALA B 313 -7.80 8.04 21.42
N ASP B 314 -6.59 7.84 20.89
CA ASP B 314 -6.27 8.34 19.56
C ASP B 314 -7.11 7.67 18.49
N TYR B 315 -7.37 6.37 18.65
CA TYR B 315 -8.08 5.62 17.62
C TYR B 315 -9.55 6.06 17.53
N THR B 316 -10.23 6.16 18.68
CA THR B 316 -11.64 6.53 18.67
C THR B 316 -11.85 7.98 18.23
N ARG B 317 -10.86 8.84 18.46
CA ARG B 317 -10.94 10.20 17.94
C ARG B 317 -10.89 10.20 16.41
N MET B 318 -9.95 9.43 15.85
CA MET B 318 -9.85 9.34 14.39
C MET B 318 -11.04 8.58 13.80
N LEU B 319 -11.52 7.56 14.51
CA LEU B 319 -12.64 6.77 14.03
C LEU B 319 -13.89 7.64 13.86
N LEU B 320 -14.19 8.48 14.85
CA LEU B 320 -15.37 9.34 14.76
C LEU B 320 -15.23 10.35 13.63
N VAL B 321 -14.02 10.88 13.45
CA VAL B 321 -13.80 11.88 12.39
C VAL B 321 -13.95 11.23 11.02
N VAL B 322 -13.45 10.01 10.85
CA VAL B 322 -13.59 9.33 9.57
C VAL B 322 -15.05 9.02 9.29
N LEU B 323 -15.77 8.51 10.30
CA LEU B 323 -17.18 8.18 10.11
C LEU B 323 -18.03 9.43 9.87
N ALA B 324 -17.67 10.55 10.49
CA ALA B 324 -18.41 11.79 10.29
C ALA B 324 -18.00 12.53 9.01
N ARG B 325 -17.02 12.00 8.27
CA ARG B 325 -16.51 12.64 7.06
C ARG B 325 -16.03 14.06 7.32
N GLY B 326 -15.54 14.31 8.54
CA GLY B 326 -15.05 15.62 8.91
C GLY B 326 -16.12 16.63 9.27
N LEU B 327 -17.38 16.24 9.27
CA LEU B 327 -18.48 17.15 9.61
C LEU B 327 -18.68 17.20 11.12
N ALA B 328 -19.02 18.38 11.61
CA ALA B 328 -19.43 18.61 12.99
C ALA B 328 -20.81 19.23 13.00
N PRO B 329 -21.61 18.97 14.03
CA PRO B 329 -22.92 19.63 14.11
C PRO B 329 -22.77 21.14 14.26
N GLU B 330 -23.82 21.85 13.86
CA GLU B 330 -23.79 23.30 13.93
C GLU B 330 -23.56 23.77 15.36
N GLY B 331 -22.73 24.81 15.50
CA GLY B 331 -22.27 25.23 16.80
C GLY B 331 -20.87 24.72 17.08
N THR B 332 -20.65 23.43 16.83
CA THR B 332 -19.33 22.84 16.96
C THR B 332 -18.47 23.21 15.76
N GLU B 333 -17.17 23.35 16.02
CA GLU B 333 -16.30 23.59 14.87
C GLU B 333 -15.64 22.30 14.45
N PRO B 334 -15.65 21.97 13.16
CA PRO B 334 -15.04 20.71 12.71
C PRO B 334 -13.53 20.73 12.86
N VAL B 335 -12.95 19.52 12.88
CA VAL B 335 -11.50 19.42 12.90
C VAL B 335 -10.93 19.98 11.61
N SER B 336 -10.00 20.92 11.73
CA SER B 336 -9.39 21.50 10.54
C SER B 336 -8.55 20.46 9.82
N LEU B 337 -8.28 20.73 8.53
CA LEU B 337 -7.49 19.80 7.74
C LEU B 337 -6.07 19.67 8.28
N ASN B 338 -5.50 20.79 8.73
CA ASN B 338 -4.15 20.75 9.28
C ASN B 338 -4.10 19.89 10.54
N ALA B 339 -5.14 19.98 11.38
CA ALA B 339 -5.21 19.12 12.55
C ALA B 339 -5.37 17.66 12.16
N TRP B 340 -6.05 17.39 11.04
CA TRP B 340 -6.18 16.02 10.56
C TRP B 340 -4.83 15.46 10.13
N TYR B 341 -4.00 16.29 9.48
CA TYR B 341 -2.67 15.85 9.09
C TYR B 341 -1.84 15.47 10.30
N ALA B 342 -1.94 16.25 11.38
CA ALA B 342 -1.21 15.95 12.60
C ALA B 342 -1.71 14.67 13.25
N MET B 343 -3.01 14.40 13.13
CA MET B 343 -3.56 13.12 13.63
C MET B 343 -2.96 11.94 12.88
N LEU B 344 -2.77 12.09 11.56
CA LEU B 344 -2.16 11.01 10.79
C LEU B 344 -0.71 10.80 11.17
N ASP B 345 -0.01 11.87 11.58
CA ASP B 345 1.33 11.71 12.10
C ASP B 345 1.33 10.99 13.45
N ASP B 346 0.26 11.16 14.23
CA ASP B 346 0.14 10.41 15.49
C ASP B 346 -0.03 8.93 15.21
N GLN B 347 -0.78 8.58 14.17
CA GLN B 347 -0.96 7.17 13.81
C GLN B 347 0.35 6.57 13.32
N ALA B 348 1.08 7.29 12.45
CA ALA B 348 2.36 6.80 11.96
C ALA B 348 3.36 6.64 13.09
N ARG B 349 3.30 7.53 14.09
CA ARG B 349 4.15 7.38 15.27
C ARG B 349 3.78 6.11 16.03
N MET B 350 2.49 5.81 16.12
CA MET B 350 2.04 4.58 16.78
C MET B 350 2.42 3.35 15.98
N MET B 351 2.48 3.46 14.64
CA MET B 351 2.84 2.31 13.82
C MET B 351 4.31 1.96 13.99
N ARG B 352 5.19 2.97 14.13
CA ARG B 352 6.60 2.69 14.39
C ARG B 352 6.78 2.06 15.76
N ALA B 353 5.95 2.46 16.73
CA ALA B 353 6.01 1.86 18.06
C ALA B 353 5.71 0.36 18.01
N PHE B 354 4.79 -0.04 17.12
CA PHE B 354 4.51 -1.46 16.97
C PHE B 354 5.59 -2.17 16.17
N ASP B 355 6.25 -1.45 15.26
CA ASP B 355 7.39 -2.03 14.55
C ASP B 355 8.45 -2.52 15.51
N ARG B 356 8.77 -1.72 16.54
CA ARG B 356 9.76 -2.14 17.51
C ARG B 356 9.26 -3.28 18.38
N LEU B 357 7.95 -3.33 18.66
CA LEU B 357 7.40 -4.42 19.44
C LEU B 357 7.56 -5.75 18.72
N PHE B 358 7.28 -5.77 17.41
CA PHE B 358 7.39 -6.99 16.62
C PHE B 358 8.83 -7.33 16.26
N GLU B 359 9.80 -6.55 16.72
CA GLU B 359 11.19 -6.99 16.70
C GLU B 359 11.49 -7.97 17.82
N SER B 360 10.67 -7.96 18.88
CA SER B 360 10.82 -8.88 20.00
C SER B 360 9.80 -10.02 19.99
N PHE B 361 8.70 -9.87 19.26
CA PHE B 361 7.64 -10.87 19.24
C PHE B 361 7.19 -11.15 17.82
N ASP B 362 6.71 -12.37 17.61
CA ASP B 362 6.10 -12.76 16.34
C ASP B 362 4.60 -12.50 16.31
N ALA B 363 3.94 -12.50 17.46
CA ALA B 363 2.49 -12.41 17.49
C ALA B 363 2.02 -11.96 18.87
N ILE B 364 0.89 -11.24 18.89
CA ILE B 364 0.18 -10.92 20.10
C ILE B 364 -1.03 -11.84 20.22
N PHE B 365 -1.23 -12.43 21.39
CA PHE B 365 -2.42 -13.22 21.69
C PHE B 365 -3.28 -12.43 22.67
N CYS B 366 -4.53 -12.21 22.29
CA CYS B 366 -5.43 -11.37 23.09
C CYS B 366 -6.86 -11.72 22.71
N PRO B 367 -7.84 -11.33 23.53
CA PRO B 367 -9.24 -11.56 23.15
C PRO B 367 -9.64 -10.73 21.93
N VAL B 368 -10.62 -11.25 21.20
CA VAL B 368 -11.30 -10.43 20.20
C VAL B 368 -12.18 -9.39 20.89
N LEU B 369 -13.04 -9.86 21.81
CA LEU B 369 -13.84 -8.99 22.64
C LEU B 369 -13.84 -9.55 24.05
N GLY B 370 -14.23 -8.71 25.01
CA GLY B 370 -14.19 -9.11 26.41
C GLY B 370 -15.17 -10.21 26.78
N THR B 371 -16.23 -10.39 26.00
CA THR B 371 -17.25 -11.38 26.30
C THR B 371 -17.75 -11.99 25.00
N THR B 372 -18.69 -12.93 25.13
CA THR B 372 -19.25 -13.62 23.97
C THR B 372 -20.47 -12.86 23.44
N ALA B 373 -21.16 -13.48 22.49
CA ALA B 373 -22.28 -12.83 21.82
C ALA B 373 -23.38 -12.46 22.82
N PHE B 374 -23.77 -11.20 22.80
CA PHE B 374 -24.77 -10.68 23.72
C PHE B 374 -26.17 -10.79 23.12
N ALA B 375 -27.18 -10.65 23.97
CA ALA B 375 -28.56 -10.68 23.52
C ALA B 375 -28.87 -9.46 22.66
N HIS B 376 -29.82 -9.64 21.73
CA HIS B 376 -30.21 -8.58 20.82
C HIS B 376 -30.61 -7.32 21.58
N SER B 377 -29.93 -6.21 21.27
CA SER B 377 -30.14 -4.94 21.94
C SER B 377 -30.93 -4.00 21.04
N ASP B 378 -31.93 -3.34 21.64
CA ASP B 378 -32.78 -2.41 20.90
C ASP B 378 -32.24 -0.99 20.86
N GLU B 379 -31.26 -0.67 21.71
CA GLU B 379 -30.82 0.71 21.90
C GLU B 379 -29.75 1.07 20.88
N PRO B 380 -29.99 2.05 20.02
CA PRO B 380 -28.95 2.42 19.03
C PRO B 380 -27.76 3.14 19.64
N ASP B 381 -27.94 3.83 20.77
CA ASP B 381 -26.84 4.57 21.40
C ASP B 381 -25.99 3.59 22.22
N TRP B 382 -24.73 3.43 21.82
CA TRP B 382 -23.83 2.55 22.56
C TRP B 382 -23.65 3.02 24.01
N ALA B 383 -23.74 4.34 24.25
CA ALA B 383 -23.56 4.87 25.59
C ALA B 383 -24.63 4.40 26.56
N LYS B 384 -25.80 3.98 26.05
CA LYS B 384 -26.88 3.50 26.90
C LYS B 384 -26.89 1.98 27.04
N ARG B 385 -25.91 1.29 26.48
CA ARG B 385 -25.83 -0.16 26.54
C ARG B 385 -24.91 -0.61 27.67
N SER B 386 -25.06 -1.86 28.06
CA SER B 386 -24.23 -2.48 29.09
C SER B 386 -23.93 -3.91 28.69
N LEU B 387 -22.91 -4.48 29.34
CA LEU B 387 -22.50 -5.85 29.10
C LEU B 387 -22.43 -6.61 30.41
N SER B 388 -22.87 -7.87 30.38
CA SER B 388 -22.79 -8.76 31.53
C SER B 388 -21.43 -9.46 31.50
N ILE B 389 -20.52 -9.02 32.37
CA ILE B 389 -19.19 -9.59 32.47
C ILE B 389 -19.10 -10.27 33.84
N ASP B 390 -19.23 -11.59 33.85
CA ASP B 390 -19.20 -12.39 35.08
C ASP B 390 -20.24 -11.89 36.08
N GLY B 391 -21.45 -11.64 35.59
CA GLY B 391 -22.52 -11.11 36.40
C GLY B 391 -22.45 -9.62 36.65
N GLY B 392 -21.26 -9.02 36.59
CA GLY B 392 -21.11 -7.60 36.74
C GLY B 392 -21.62 -6.86 35.51
N ILE B 393 -21.59 -5.53 35.62
CA ILE B 393 -22.09 -4.64 34.58
C ILE B 393 -20.92 -3.76 34.12
N ALA B 394 -20.55 -3.90 32.85
CA ALA B 394 -19.42 -3.19 32.28
C ALA B 394 -19.88 -2.29 31.14
N PRO B 395 -19.19 -1.17 30.89
CA PRO B 395 -19.58 -0.30 29.78
C PRO B 395 -19.42 -1.01 28.44
N PHE B 396 -20.39 -0.76 27.56
CA PHE B 396 -20.41 -1.42 26.26
C PHE B 396 -19.31 -0.92 25.34
N ALA B 397 -19.21 0.41 25.19
CA ALA B 397 -18.35 0.97 24.15
C ALA B 397 -16.87 0.77 24.45
N ALA B 398 -16.51 0.61 25.72
CA ALA B 398 -15.10 0.45 26.08
C ALA B 398 -14.48 -0.81 25.49
N GLN B 399 -15.28 -1.76 25.05
CA GLN B 399 -14.78 -3.00 24.45
C GLN B 399 -14.10 -2.76 23.10
N LEU B 400 -14.19 -1.55 22.55
CA LEU B 400 -13.42 -1.21 21.35
C LEU B 400 -11.92 -1.30 21.59
N GLY B 401 -11.50 -1.40 22.85
CA GLY B 401 -10.07 -1.42 23.14
C GLY B 401 -9.38 -2.64 22.56
N TRP B 402 -9.97 -3.83 22.73
CA TRP B 402 -9.40 -5.03 22.14
C TRP B 402 -9.32 -4.95 20.62
N ILE B 403 -10.10 -4.06 20.01
CA ILE B 403 -10.13 -3.93 18.56
C ILE B 403 -9.17 -2.87 18.05
N SER B 404 -8.78 -1.90 18.89
CA SER B 404 -8.12 -0.70 18.40
C SER B 404 -6.70 -0.95 17.92
N MET B 405 -5.99 -1.91 18.54
CA MET B 405 -4.56 -2.07 18.25
C MET B 405 -4.31 -2.41 16.79
N ALA B 406 -5.01 -3.41 16.25
CA ALA B 406 -4.78 -3.82 14.87
C ALA B 406 -5.33 -2.82 13.88
N THR B 407 -6.41 -2.11 14.25
CA THR B 407 -7.03 -1.16 13.32
C THR B 407 -6.25 0.14 13.25
N TYR B 408 -5.88 0.70 14.40
CA TYR B 408 -5.13 1.95 14.43
C TYR B 408 -3.70 1.75 13.94
N GLY B 409 -3.09 0.62 14.33
CA GLY B 409 -1.74 0.32 13.88
C GLY B 409 -1.64 -0.27 12.49
N GLY B 410 -2.75 -0.76 11.95
CA GLY B 410 -2.78 -1.29 10.61
C GLY B 410 -2.39 -2.75 10.48
N MET B 411 -1.98 -3.39 11.57
CA MET B 411 -1.51 -4.76 11.51
C MET B 411 -2.64 -5.71 11.12
N PRO B 412 -2.29 -6.86 10.54
CA PRO B 412 -3.31 -7.89 10.29
C PRO B 412 -3.66 -8.63 11.57
N ALA B 413 -4.93 -8.98 11.71
CA ALA B 413 -5.43 -9.64 12.91
C ALA B 413 -6.32 -10.80 12.52
N LEU B 414 -6.02 -11.99 13.05
CA LEU B 414 -6.80 -13.19 12.78
C LEU B 414 -7.73 -13.48 13.95
N SER B 415 -8.97 -13.85 13.63
CA SER B 415 -9.96 -14.27 14.63
C SER B 415 -10.32 -15.72 14.36
N MET B 416 -9.84 -16.62 15.22
CA MET B 416 -9.99 -18.05 15.00
C MET B 416 -10.72 -18.72 16.15
N PRO B 417 -11.44 -19.81 15.89
CA PRO B 417 -12.20 -20.48 16.96
C PRO B 417 -11.27 -21.05 18.02
N LEU B 418 -11.60 -20.77 19.28
CA LEU B 418 -10.92 -21.30 20.45
C LEU B 418 -11.73 -22.34 21.21
N GLY B 419 -13.01 -22.08 21.43
CA GLY B 419 -13.91 -22.95 22.14
C GLY B 419 -15.25 -22.29 22.42
N ALA B 420 -15.81 -22.51 23.60
CA ALA B 420 -17.07 -21.89 23.96
C ALA B 420 -17.10 -21.60 25.45
N ASP B 421 -18.07 -20.80 25.88
CA ASP B 421 -18.17 -20.42 27.29
C ASP B 421 -19.14 -21.38 28.00
N GLY B 422 -19.69 -20.95 29.13
CA GLY B 422 -20.57 -21.83 29.91
C GLY B 422 -21.91 -22.08 29.24
N ASN B 423 -22.35 -21.16 28.38
CA ASN B 423 -23.63 -21.28 27.72
C ASN B 423 -23.51 -21.84 26.30
N GLY B 424 -22.33 -22.29 25.91
CA GLY B 424 -22.14 -22.79 24.56
C GLY B 424 -21.93 -21.71 23.51
N LEU B 425 -21.63 -20.48 23.93
CA LEU B 425 -21.39 -19.38 23.01
C LEU B 425 -19.90 -19.35 22.63
N PRO B 426 -19.58 -19.25 21.35
CA PRO B 426 -18.19 -19.42 20.92
C PRO B 426 -17.29 -18.30 21.43
N ILE B 427 -16.02 -18.67 21.69
CA ILE B 427 -14.98 -17.72 22.05
C ILE B 427 -13.85 -17.87 21.03
N ASN B 428 -13.36 -16.73 20.55
CA ASN B 428 -12.30 -16.71 19.55
C ASN B 428 -11.04 -16.08 20.11
N LEU B 429 -9.92 -16.36 19.46
CA LEU B 429 -8.63 -15.76 19.79
C LEU B 429 -8.27 -14.74 18.72
N GLN B 430 -7.70 -13.62 19.15
CA GLN B 430 -7.18 -12.63 18.22
C GLN B 430 -5.67 -12.78 18.12
N ILE B 431 -5.17 -12.92 16.90
CA ILE B 431 -3.75 -13.10 16.63
C ILE B 431 -3.28 -11.92 15.82
N ILE B 432 -2.43 -11.09 16.41
CA ILE B 432 -1.91 -9.88 15.77
C ILE B 432 -0.45 -10.12 15.41
N THR B 433 -0.12 -9.92 14.14
CA THR B 433 1.25 -10.00 13.65
C THR B 433 1.63 -8.67 13.02
N ARG B 434 2.89 -8.55 12.62
CA ARG B 434 3.39 -7.29 12.08
C ARG B 434 2.73 -6.99 10.74
N ASN B 435 2.82 -5.72 10.34
CA ASN B 435 2.19 -5.26 9.11
C ASN B 435 2.75 -6.01 7.91
N TRP B 436 1.87 -6.39 6.99
CA TRP B 436 2.17 -7.09 5.75
C TRP B 436 2.57 -8.54 5.96
N SER B 437 2.40 -9.06 7.18
CA SER B 437 2.57 -10.48 7.47
C SER B 437 1.22 -11.17 7.63
N ASP B 438 0.28 -10.88 6.73
CA ASP B 438 -1.06 -11.45 6.82
C ASP B 438 -1.02 -12.96 6.75
N HIS B 439 -0.11 -13.52 5.95
CA HIS B 439 -0.01 -14.97 5.85
C HIS B 439 0.59 -15.58 7.12
N ASP B 440 1.42 -14.82 7.84
CA ASP B 440 1.93 -15.31 9.12
C ASP B 440 0.80 -15.48 10.13
N ALA B 441 -0.15 -14.54 10.16
CA ALA B 441 -1.28 -14.64 11.06
C ALA B 441 -2.12 -15.88 10.77
N ILE B 442 -2.43 -16.10 9.48
CA ILE B 442 -3.17 -17.31 9.10
C ILE B 442 -2.38 -18.56 9.48
N ARG B 443 -1.08 -18.56 9.17
CA ARG B 443 -0.24 -19.72 9.44
C ARG B 443 -0.18 -20.04 10.93
N ILE B 444 0.02 -19.01 11.76
CA ILE B 444 0.07 -19.22 13.20
C ILE B 444 -1.27 -19.74 13.70
N GLY B 445 -2.37 -19.19 13.17
CA GLY B 445 -3.68 -19.64 13.60
C GLY B 445 -3.95 -21.10 13.26
N ALA B 446 -3.42 -21.55 12.12
CA ALA B 446 -3.55 -22.96 11.75
C ALA B 446 -2.74 -23.84 12.70
N LEU B 447 -1.53 -23.41 13.05
CA LEU B 447 -0.70 -24.19 13.97
C LEU B 447 -1.29 -24.20 15.38
N VAL B 448 -1.96 -23.12 15.78
CA VAL B 448 -2.63 -23.11 17.07
C VAL B 448 -3.76 -24.13 17.11
N ALA B 449 -4.55 -24.19 16.04
CA ALA B 449 -5.65 -25.16 15.98
C ALA B 449 -5.13 -26.59 16.07
N GLU B 450 -4.01 -26.88 15.40
CA GLU B 450 -3.41 -28.20 15.52
C GLU B 450 -2.92 -28.47 16.94
N ALA B 451 -2.37 -27.45 17.60
CA ALA B 451 -1.85 -27.62 18.94
C ALA B 451 -2.96 -27.89 19.95
N LEU B 452 -4.18 -27.43 19.67
CA LEU B 452 -5.31 -27.59 20.58
C LEU B 452 -6.07 -28.89 20.34
N ASP B 453 -5.54 -29.79 19.52
CA ASP B 453 -6.19 -31.07 19.27
C ASP B 453 -5.28 -32.22 19.65
N ARG B 454 -4.78 -32.22 20.89
CA ARG B 454 -3.89 -33.26 21.36
C ARG B 454 -4.66 -34.51 21.76
C05 A1D5H C . 5.90 20.07 5.29
C09 A1D5H C . 6.41 20.53 9.07
C10 A1D5H C . 5.81 19.65 10.16
C02 A1D5H C . 6.57 17.58 4.29
C03 A1D5H C . 5.85 17.68 5.47
C04 A1D5H C . 5.51 18.93 5.97
C07 A1D5H C . 5.79 21.76 7.17
C11 A1D5H C . 5.43 20.46 11.39
C12 A1D5H C . 4.76 19.63 12.48
C15 A1D5H C . 6.62 19.96 4.10
C16 A1D5H C . 6.95 18.72 3.61
N01 A1D5H C . 6.92 16.27 3.77
N06 A1D5H C . 5.55 21.38 5.79
O08 A1D5H C . 5.38 20.93 8.22
O13 A1D5H C . 4.56 20.46 13.59
O14 A1D5H C . 6.35 22.77 7.41
C1 GOL D . 27.04 4.40 6.57
O1 GOL D . 28.17 3.69 6.10
C2 GOL D . 27.49 5.66 7.27
O2 GOL D . 26.98 6.78 6.56
C3 GOL D . 26.99 5.66 8.71
O3 GOL D . 28.06 5.25 9.54
C1 GOL E . -3.30 7.53 1.63
O1 GOL E . -3.47 6.18 1.25
C2 GOL E . -4.04 7.78 2.92
O2 GOL E . -3.21 7.42 4.00
C3 GOL E . -4.43 9.26 3.01
O3 GOL E . -5.62 9.35 3.76
C05 A1D5H F . 8.58 20.22 -6.41
C09 A1D5H F . 9.71 17.35 -4.41
C10 A1D5H F . 9.64 16.04 -3.64
C02 A1D5H F . 6.22 21.59 -6.76
C03 A1D5H F . 6.64 21.25 -5.48
C04 A1D5H F . 7.82 20.57 -5.30
C07 A1D5H F . 9.72 18.10 -6.63
C11 A1D5H F . 9.14 16.28 -2.21
C12 A1D5H F . 8.82 15.00 -1.45
C15 A1D5H F . 8.16 20.54 -7.69
C16 A1D5H F . 6.97 21.23 -7.86
N01 A1D5H F . 4.98 22.31 -6.94
N06 A1D5H F . 9.81 19.48 -6.22
O08 A1D5H F . 9.29 17.13 -5.72
O13 A1D5H F . 8.14 15.36 -0.28
O14 A1D5H F . 9.97 17.81 -7.75
C05 A1D5H G . -18.45 -0.50 13.85
C09 A1D5H G . -17.77 -1.49 10.42
C10 A1D5H G . -17.13 -1.62 9.03
C02 A1D5H G . -17.92 1.73 15.37
C03 A1D5H G . -18.24 1.86 14.04
C04 A1D5H G . -18.50 0.75 13.26
C07 A1D5H G . -17.51 -2.33 12.59
C11 A1D5H G . -17.26 -0.35 8.21
C12 A1D5H G . -16.41 -0.39 6.94
C15 A1D5H G . -18.12 -0.65 15.19
C16 A1D5H G . -17.86 0.47 15.95
N01 A1D5H G . -17.64 2.92 16.15
N06 A1D5H G . -18.72 -1.67 13.03
O08 A1D5H G . -16.88 -1.94 11.40
O13 A1D5H G . -16.46 0.88 6.34
O14 A1D5H G . -17.04 -3.18 13.26
#